data_4IVQ
#
_entry.id   4IVQ
#
_cell.length_a   113.435
_cell.length_b   117.069
_cell.length_c   107.775
_cell.angle_alpha   90.00
_cell.angle_beta   90.00
_cell.angle_gamma   90.00
#
_symmetry.space_group_name_H-M   'C 2 2 21'
#
loop_
_entity.id
_entity.type
_entity.pdbx_description
1 polymer 'Thymidine kinase'
2 non-polymer 6-[3-hydroxy-2-(hydroxymethyl)prop-1-en-1-yl]-4-methoxy-1,5-dimethylpyrimidin-2(1H)-one
3 non-polymer 'SULFATE ION'
4 water water
#
_entity_poly.entity_id   1
_entity_poly.type   'polypeptide(L)'
_entity_poly.pdbx_seq_one_letter_code
;MPTLLRVYIDGPHGMGKTTTTQLLVALGSRDDIVYVPEPMTYWRVLGASETIANIYTTQHRLDQGEISAGDAAVVMTSAQ
ITMGMPYAVTDAVLAPHIGGEAGSSHAPPPALTLIFDRHPIAALLCYPAARYLMGSMTPQAVLAFVALIPPTLPGTNIVL
GALPEDRHIDRLAKRQRPGERLDLAMLAAIRRVYGLLANTVRYLQCGGSWREDWGQLSGTAVPPQGAEPQSNAGPRPHIG
DTLFTLFRAPELLAPNGDLYNVFAWALDVLAKRLRSMHVFILDYDQSPAGCRDALLQLTSGMVQTHVTTPGSIPTICDLA
RTFAREMGEAN
;
_entity_poly.pdbx_strand_id   A,B
#
loop_
_chem_comp.id
_chem_comp.type
_chem_comp.name
_chem_comp.formula
I43 non-polymer 6-[3-hydroxy-2-(hydroxymethyl)prop-1-en-1-yl]-4-methoxy-1,5-dimethylpyrimidin-2(1H)-one 'C11 H16 N2 O4'
SO4 non-polymer 'SULFATE ION' 'O4 S -2'
#
# COMPACT_ATOMS: atom_id res chain seq x y z
N MET A 1 -25.77 -19.70 -1.19
CA MET A 1 -25.07 -18.58 -1.81
C MET A 1 -24.48 -18.94 -3.18
N PRO A 2 -24.54 -17.99 -4.12
CA PRO A 2 -23.90 -18.17 -5.45
C PRO A 2 -22.38 -18.04 -5.34
N THR A 3 -21.66 -18.67 -6.26
CA THR A 3 -20.20 -18.61 -6.22
C THR A 3 -19.60 -17.68 -7.26
N LEU A 4 -18.38 -17.24 -6.99
CA LEU A 4 -17.64 -16.37 -7.88
C LEU A 4 -16.32 -17.01 -8.22
N LEU A 5 -15.89 -16.83 -9.47
CA LEU A 5 -14.57 -17.24 -9.91
C LEU A 5 -13.75 -16.03 -10.33
N ARG A 6 -12.67 -15.74 -9.60
CA ARG A 6 -11.80 -14.63 -9.97
C ARG A 6 -10.51 -15.20 -10.55
N VAL A 7 -10.13 -14.72 -11.73
CA VAL A 7 -8.91 -15.19 -12.38
C VAL A 7 -8.06 -14.00 -12.78
N TYR A 8 -6.83 -13.92 -12.26
CA TYR A 8 -5.95 -12.79 -12.58
C TYR A 8 -4.92 -13.27 -13.58
N ILE A 9 -4.91 -12.69 -14.79
CA ILE A 9 -3.93 -13.07 -15.79
C ILE A 9 -2.74 -12.15 -15.66
N ASP A 10 -1.58 -12.70 -15.39
CA ASP A 10 -0.42 -11.88 -15.03
C ASP A 10 0.86 -12.43 -15.64
N GLY A 11 2.00 -11.91 -15.23
CA GLY A 11 3.23 -12.35 -15.85
C GLY A 11 3.82 -11.25 -16.71
N PRO A 12 4.98 -11.52 -17.32
CA PRO A 12 5.68 -10.52 -18.12
C PRO A 12 4.82 -9.98 -19.26
N HIS A 13 5.00 -8.71 -19.58
CA HIS A 13 4.32 -8.12 -20.75
C HIS A 13 4.82 -8.77 -22.04
N GLY A 14 3.99 -8.69 -23.08
CA GLY A 14 4.37 -9.10 -24.41
C GLY A 14 4.23 -10.58 -24.73
N MET A 15 3.46 -11.30 -23.93
CA MET A 15 3.30 -12.74 -24.17
C MET A 15 2.01 -13.09 -24.89
N GLY A 16 1.05 -12.18 -24.86
CA GLY A 16 -0.25 -12.41 -25.46
C GLY A 16 -1.35 -12.51 -24.43
N LYS A 17 -1.09 -12.03 -23.21
CA LYS A 17 -2.08 -12.09 -22.14
C LYS A 17 -3.42 -11.46 -22.49
N THR A 18 -3.38 -10.24 -23.01
CA THR A 18 -4.61 -9.49 -23.26
C THR A 18 -5.46 -10.13 -24.34
N THR A 19 -4.81 -10.59 -25.39
CA THR A 19 -5.49 -11.31 -26.47
C THR A 19 -6.21 -12.55 -25.94
N THR A 20 -5.49 -13.34 -25.15
CA THR A 20 -6.02 -14.62 -24.70
C THR A 20 -7.26 -14.39 -23.86
N THR A 21 -7.18 -13.37 -23.03
CA THR A 21 -8.26 -13.03 -22.12
C THR A 21 -9.51 -12.57 -22.88
N GLN A 22 -9.31 -11.69 -23.84
CA GLN A 22 -10.43 -11.21 -24.65
C GLN A 22 -11.11 -12.38 -25.38
N LEU A 23 -10.30 -13.32 -25.86
CA LEU A 23 -10.83 -14.48 -26.58
C LEU A 23 -11.63 -15.39 -25.66
N LEU A 24 -11.16 -15.54 -24.42
CA LEU A 24 -11.87 -16.36 -23.45
C LEU A 24 -13.19 -15.69 -23.09
N VAL A 25 -13.15 -14.39 -22.88
CA VAL A 25 -14.35 -13.67 -22.50
C VAL A 25 -15.39 -13.71 -23.64
N ALA A 26 -14.90 -13.70 -24.87
CA ALA A 26 -15.77 -13.74 -26.05
C ALA A 26 -16.56 -15.04 -26.19
N LEU A 27 -16.16 -16.09 -25.47
CA LEU A 27 -16.84 -17.38 -25.48
C LEU A 27 -18.11 -17.37 -24.65
N GLY A 28 -18.08 -16.63 -23.55
CA GLY A 28 -19.19 -16.65 -22.61
C GLY A 28 -20.41 -15.91 -23.13
N SER A 29 -21.45 -15.87 -22.32
CA SER A 29 -22.59 -15.02 -22.60
C SER A 29 -22.14 -13.57 -22.41
N ARG A 30 -23.07 -12.64 -22.31
CA ARG A 30 -22.66 -11.28 -22.03
C ARG A 30 -22.29 -11.14 -20.55
N ASP A 31 -23.13 -11.67 -19.67
CA ASP A 31 -22.99 -11.38 -18.24
C ASP A 31 -22.73 -12.56 -17.30
N ASP A 32 -22.11 -13.62 -17.80
CA ASP A 32 -21.65 -14.69 -16.91
C ASP A 32 -20.15 -14.56 -16.69
N ILE A 33 -19.52 -13.72 -17.50
CA ILE A 33 -18.09 -13.42 -17.37
C ILE A 33 -17.84 -11.95 -17.68
N VAL A 34 -17.00 -11.32 -16.88
CA VAL A 34 -16.66 -9.92 -17.13
C VAL A 34 -15.14 -9.77 -17.05
N TYR A 35 -14.61 -8.92 -17.93
CA TYR A 35 -13.19 -8.63 -18.00
C TYR A 35 -12.92 -7.28 -17.33
N VAL A 36 -11.98 -7.28 -16.39
CA VAL A 36 -11.40 -6.04 -15.85
C VAL A 36 -10.08 -5.82 -16.57
N PRO A 37 -10.10 -4.95 -17.57
CA PRO A 37 -8.98 -4.82 -18.50
C PRO A 37 -7.85 -3.96 -17.96
N GLU A 38 -6.80 -3.85 -18.76
CA GLU A 38 -5.66 -3.00 -18.47
C GLU A 38 -6.13 -1.55 -18.38
N PRO A 39 -5.79 -0.86 -17.27
CA PRO A 39 -6.28 0.51 -17.09
C PRO A 39 -5.43 1.52 -17.86
N MET A 40 -5.13 1.22 -19.13
CA MET A 40 -4.23 2.03 -19.96
C MET A 40 -4.59 3.51 -19.97
N THR A 41 -5.89 3.79 -19.84
CA THR A 41 -6.38 5.14 -19.82
C THR A 41 -5.96 5.87 -18.54
N TYR A 42 -6.05 5.18 -17.41
CA TYR A 42 -5.56 5.72 -16.16
C TYR A 42 -4.10 6.08 -16.34
N TRP A 43 -3.35 5.18 -16.98
CA TRP A 43 -1.91 5.26 -17.06
C TRP A 43 -1.43 6.37 -17.98
N ARG A 44 -2.12 6.52 -19.10
CA ARG A 44 -1.69 7.46 -20.12
C ARG A 44 -2.24 8.85 -19.83
N VAL A 45 -3.40 8.91 -19.18
CA VAL A 45 -4.11 10.19 -18.99
C VAL A 45 -4.57 10.54 -17.57
N LEU A 46 -5.44 9.72 -16.99
CA LEU A 46 -6.11 10.08 -15.74
C LEU A 46 -5.19 10.20 -14.52
N GLY A 47 -4.27 9.25 -14.34
CA GLY A 47 -3.42 9.22 -13.16
C GLY A 47 -2.19 10.10 -13.29
N ALA A 48 -1.65 10.16 -14.50
CA ALA A 48 -0.51 11.02 -14.83
C ALA A 48 -0.42 11.05 -16.35
N SER A 49 0.57 11.76 -16.88
CA SER A 49 0.74 11.84 -18.33
C SER A 49 1.74 10.81 -18.84
N GLU A 50 1.29 9.94 -19.75
CA GLU A 50 2.14 8.95 -20.41
C GLU A 50 3.13 8.25 -19.48
N THR A 51 2.62 7.52 -18.50
CA THR A 51 3.46 6.88 -17.49
C THR A 51 4.44 5.86 -18.07
N ILE A 52 3.95 5.02 -18.98
CA ILE A 52 4.79 4.00 -19.60
C ILE A 52 5.99 4.65 -20.28
N ALA A 53 5.73 5.72 -21.02
CA ALA A 53 6.78 6.49 -21.67
C ALA A 53 7.79 7.03 -20.67
N ASN A 54 7.28 7.63 -19.59
CA ASN A 54 8.13 8.17 -18.53
C ASN A 54 9.03 7.11 -17.93
N ILE A 55 8.49 5.91 -17.73
CA ILE A 55 9.25 4.81 -17.15
C ILE A 55 10.37 4.33 -18.07
N TYR A 56 10.03 4.07 -19.34
CA TYR A 56 11.03 3.56 -20.28
C TYR A 56 12.08 4.62 -20.65
N THR A 57 11.69 5.88 -20.64
CA THR A 57 12.63 6.96 -20.92
C THR A 57 13.65 7.12 -19.78
N THR A 58 13.18 6.95 -18.55
CA THR A 58 14.05 7.11 -17.39
C THR A 58 15.07 5.97 -17.26
N GLN A 59 14.65 4.75 -17.55
CA GLN A 59 15.57 3.62 -17.56
C GLN A 59 16.64 3.80 -18.64
N HIS A 60 16.21 4.27 -19.80
CA HIS A 60 17.11 4.51 -20.93
C HIS A 60 18.17 5.54 -20.53
N ARG A 61 17.71 6.64 -19.94
CA ARG A 61 18.61 7.69 -19.48
C ARG A 61 19.57 7.20 -18.40
N LEU A 62 19.08 6.32 -17.52
CA LEU A 62 19.94 5.75 -16.49
C LEU A 62 20.98 4.85 -17.13
N ASP A 63 20.55 4.04 -18.09
CA ASP A 63 21.44 3.15 -18.82
C ASP A 63 22.52 3.95 -19.55
N GLN A 64 22.14 5.07 -20.15
CA GLN A 64 23.07 5.93 -20.88
C GLN A 64 23.92 6.76 -19.92
N GLY A 65 23.57 6.75 -18.64
CA GLY A 65 24.31 7.49 -17.63
C GLY A 65 24.03 8.98 -17.66
N GLU A 66 22.93 9.37 -18.29
CA GLU A 66 22.55 10.78 -18.36
C GLU A 66 21.97 11.25 -17.03
N ILE A 67 21.55 10.31 -16.19
CA ILE A 67 21.03 10.63 -14.86
C ILE A 67 21.64 9.70 -13.81
N SER A 68 21.54 10.09 -12.55
CA SER A 68 22.09 9.27 -11.46
C SER A 68 21.13 8.16 -11.05
N ALA A 69 21.60 7.26 -10.20
CA ALA A 69 20.78 6.15 -9.70
C ALA A 69 19.65 6.69 -8.82
N GLY A 70 19.99 7.61 -7.93
CA GLY A 70 19.01 8.25 -7.07
C GLY A 70 17.88 8.89 -7.86
N ASP A 71 18.23 9.63 -8.90
CA ASP A 71 17.23 10.33 -9.70
C ASP A 71 16.32 9.36 -10.45
N ALA A 72 16.88 8.24 -10.90
CA ALA A 72 16.07 7.22 -11.55
C ALA A 72 15.11 6.57 -10.56
N ALA A 73 15.62 6.24 -9.37
CA ALA A 73 14.82 5.60 -8.33
C ALA A 73 13.62 6.44 -7.86
N VAL A 74 13.77 7.76 -7.78
CA VAL A 74 12.63 8.56 -7.32
C VAL A 74 11.54 8.54 -8.40
N VAL A 75 11.95 8.57 -9.67
CA VAL A 75 11.00 8.54 -10.77
C VAL A 75 10.29 7.19 -10.84
N MET A 76 11.06 6.11 -10.71
CA MET A 76 10.51 4.76 -10.82
C MET A 76 9.55 4.48 -9.69
N THR A 77 9.95 4.84 -8.48
CA THR A 77 9.12 4.59 -7.31
C THR A 77 7.78 5.33 -7.41
N SER A 78 7.80 6.61 -7.80
CA SER A 78 6.58 7.39 -7.99
C SER A 78 5.71 6.84 -9.10
N ALA A 79 6.33 6.48 -10.21
CA ALA A 79 5.58 5.92 -11.33
C ALA A 79 4.90 4.60 -10.95
N GLN A 80 5.59 3.75 -10.18
CA GLN A 80 5.01 2.47 -9.77
C GLN A 80 3.76 2.68 -8.91
N ILE A 81 3.80 3.70 -8.06
CA ILE A 81 2.63 4.04 -7.24
C ILE A 81 1.42 4.33 -8.11
N THR A 82 1.61 5.09 -9.18
CA THR A 82 0.55 5.42 -10.12
C THR A 82 0.07 4.22 -10.91
N MET A 83 1.03 3.46 -11.43
CA MET A 83 0.70 2.27 -12.19
C MET A 83 -0.22 1.36 -11.38
N GLY A 84 0.06 1.28 -10.08
CA GLY A 84 -0.63 0.32 -9.23
C GLY A 84 -2.00 0.70 -8.72
N MET A 85 -2.32 2.00 -8.73
CA MET A 85 -3.55 2.46 -8.09
C MET A 85 -4.86 1.74 -8.53
N PRO A 86 -5.09 1.56 -9.84
CA PRO A 86 -6.36 0.93 -10.21
C PRO A 86 -6.50 -0.50 -9.67
N TYR A 87 -5.40 -1.24 -9.62
CA TYR A 87 -5.45 -2.62 -9.11
C TYR A 87 -5.82 -2.61 -7.65
N ALA A 88 -5.20 -1.70 -6.92
CA ALA A 88 -5.42 -1.60 -5.48
C ALA A 88 -6.84 -1.19 -5.12
N VAL A 89 -7.40 -0.17 -5.79
CA VAL A 89 -8.76 0.23 -5.44
C VAL A 89 -9.75 -0.84 -5.78
N THR A 90 -9.53 -1.50 -6.93
CA THR A 90 -10.40 -2.59 -7.36
C THR A 90 -10.44 -3.67 -6.28
N ASP A 91 -9.27 -4.08 -5.80
CA ASP A 91 -9.18 -5.07 -4.76
C ASP A 91 -9.91 -4.59 -3.49
N ALA A 92 -9.71 -3.33 -3.14
CA ALA A 92 -10.29 -2.84 -1.89
C ALA A 92 -11.82 -2.80 -1.91
N VAL A 93 -12.40 -2.46 -3.07
CA VAL A 93 -13.86 -2.39 -3.16
C VAL A 93 -14.50 -3.75 -3.34
N LEU A 94 -13.74 -4.68 -3.91
CA LEU A 94 -14.18 -6.06 -4.12
CA LEU A 94 -14.22 -6.05 -4.10
C LEU A 94 -14.18 -6.85 -2.81
N ALA A 95 -13.14 -6.61 -2.00
CA ALA A 95 -12.90 -7.36 -0.76
C ALA A 95 -14.11 -7.67 0.11
N PRO A 96 -14.95 -6.67 0.45
CA PRO A 96 -16.07 -7.01 1.34
C PRO A 96 -17.09 -7.96 0.69
N HIS A 97 -17.01 -8.14 -0.62
CA HIS A 97 -17.94 -9.02 -1.33
C HIS A 97 -17.52 -10.48 -1.37
N ILE A 98 -16.26 -10.76 -1.05
CA ILE A 98 -15.73 -12.11 -1.20
C ILE A 98 -15.88 -12.93 0.07
N GLY A 99 -16.51 -14.09 -0.05
CA GLY A 99 -16.67 -14.99 1.09
C GLY A 99 -15.61 -16.06 1.11
N GLY A 100 -15.87 -17.16 1.82
CA GLY A 100 -14.89 -18.22 1.93
C GLY A 100 -14.78 -19.06 0.66
N GLU A 101 -13.71 -19.84 0.55
CA GLU A 101 -13.50 -20.67 -0.64
C GLU A 101 -14.56 -21.77 -0.76
N ALA A 102 -14.99 -22.05 -1.99
CA ALA A 102 -16.07 -22.98 -2.24
C ALA A 102 -15.66 -24.06 -3.24
N PRO A 108 -19.63 -27.52 -10.11
CA PRO A 108 -20.70 -26.54 -9.87
C PRO A 108 -20.30 -25.18 -10.43
N PRO A 109 -20.93 -24.77 -11.55
CA PRO A 109 -20.56 -23.56 -12.29
C PRO A 109 -20.71 -22.29 -11.45
N PRO A 110 -19.73 -21.38 -11.53
CA PRO A 110 -19.85 -20.12 -10.78
C PRO A 110 -20.95 -19.28 -11.38
N ALA A 111 -21.65 -18.51 -10.55
CA ALA A 111 -22.63 -17.55 -11.02
C ALA A 111 -21.97 -16.44 -11.84
N LEU A 112 -20.71 -16.14 -11.52
CA LEU A 112 -19.99 -15.06 -12.18
C LEU A 112 -18.50 -15.38 -12.27
N THR A 113 -17.90 -15.09 -13.42
CA THR A 113 -16.46 -15.20 -13.58
C THR A 113 -15.89 -13.82 -13.88
N LEU A 114 -14.94 -13.40 -13.03
CA LEU A 114 -14.30 -12.12 -13.15
C LEU A 114 -12.88 -12.37 -13.64
N ILE A 115 -12.54 -11.92 -14.85
CA ILE A 115 -11.17 -12.06 -15.30
C ILE A 115 -10.48 -10.70 -15.29
N PHE A 116 -9.27 -10.66 -14.71
CA PHE A 116 -8.53 -9.43 -14.52
C PHE A 116 -7.28 -9.40 -15.38
N ASP A 117 -7.01 -8.24 -15.98
CA ASP A 117 -5.72 -7.99 -16.54
C ASP A 117 -4.81 -7.56 -15.39
N ARG A 118 -4.06 -8.52 -14.86
CA ARG A 118 -3.09 -8.36 -13.76
C ARG A 118 -3.69 -8.32 -12.34
N HIS A 119 -2.84 -8.68 -11.38
CA HIS A 119 -3.15 -8.64 -9.94
C HIS A 119 -2.33 -7.49 -9.33
N PRO A 120 -2.75 -6.99 -8.15
CA PRO A 120 -1.94 -5.97 -7.48
C PRO A 120 -0.46 -6.32 -7.35
N ILE A 121 -0.10 -7.59 -7.20
CA ILE A 121 1.33 -7.87 -7.05
C ILE A 121 2.19 -7.53 -8.26
N ALA A 122 1.59 -7.35 -9.44
CA ALA A 122 2.38 -6.91 -10.59
C ALA A 122 3.02 -5.57 -10.27
N ALA A 123 2.22 -4.66 -9.72
CA ALA A 123 2.68 -3.29 -9.49
C ALA A 123 3.29 -3.07 -8.12
N LEU A 124 2.99 -3.95 -7.16
CA LEU A 124 3.51 -3.80 -5.79
C LEU A 124 4.62 -4.77 -5.46
N LEU A 125 5.01 -5.59 -6.44
CA LEU A 125 6.06 -6.57 -6.19
C LEU A 125 6.89 -6.86 -7.44
N CYS A 126 6.25 -7.31 -8.51
CA CYS A 126 7.00 -7.85 -9.64
C CYS A 126 7.74 -6.79 -10.43
N TYR A 127 7.02 -5.79 -10.92
CA TYR A 127 7.69 -4.74 -11.64
C TYR A 127 8.72 -3.97 -10.80
N PRO A 128 8.38 -3.66 -9.54
CA PRO A 128 9.40 -3.05 -8.67
C PRO A 128 10.66 -3.92 -8.51
N ALA A 129 10.48 -5.22 -8.30
CA ALA A 129 11.61 -6.12 -8.14
C ALA A 129 12.44 -6.14 -9.41
N ALA A 130 11.78 -6.08 -10.55
CA ALA A 130 12.49 -6.05 -11.83
C ALA A 130 13.30 -4.76 -11.98
N ARG A 131 12.69 -3.63 -11.59
CA ARG A 131 13.39 -2.35 -11.67
C ARG A 131 14.60 -2.35 -10.74
N TYR A 132 14.45 -3.02 -9.60
CA TYR A 132 15.57 -3.17 -8.68
C TYR A 132 16.74 -3.90 -9.36
N LEU A 133 16.45 -5.00 -10.04
CA LEU A 133 17.47 -5.74 -10.77
C LEU A 133 18.10 -4.88 -11.88
N MET A 134 17.30 -3.99 -12.45
CA MET A 134 17.76 -3.06 -13.49
C MET A 134 18.52 -1.86 -12.94
N GLY A 135 18.61 -1.78 -11.62
CA GLY A 135 19.36 -0.70 -10.98
C GLY A 135 18.62 0.61 -10.76
N SER A 136 17.33 0.63 -11.08
CA SER A 136 16.55 1.86 -11.01
C SER A 136 15.58 1.95 -9.82
N MET A 137 15.61 0.98 -8.92
CA MET A 137 14.88 1.11 -7.67
C MET A 137 15.72 0.52 -6.56
N THR A 138 15.59 1.07 -5.35
CA THR A 138 16.30 0.54 -4.20
C THR A 138 15.55 -0.66 -3.66
N PRO A 139 16.26 -1.60 -3.03
CA PRO A 139 15.55 -2.74 -2.43
C PRO A 139 14.68 -2.30 -1.24
N GLN A 140 15.06 -1.22 -0.57
CA GLN A 140 14.20 -0.68 0.49
C GLN A 140 12.83 -0.29 -0.06
N ALA A 141 12.82 0.40 -1.20
CA ALA A 141 11.55 0.80 -1.80
C ALA A 141 10.75 -0.42 -2.25
N VAL A 142 11.44 -1.44 -2.77
CA VAL A 142 10.70 -2.65 -3.17
C VAL A 142 9.98 -3.23 -1.97
N LEU A 143 10.66 -3.27 -0.82
CA LEU A 143 10.04 -3.87 0.35
C LEU A 143 8.95 -2.99 0.94
N ALA A 144 9.04 -1.68 0.71
CA ALA A 144 7.95 -0.80 1.10
C ALA A 144 6.68 -1.13 0.30
N PHE A 145 6.83 -1.39 -0.99
CA PHE A 145 5.69 -1.84 -1.81
C PHE A 145 5.15 -3.18 -1.31
N VAL A 146 6.07 -4.09 -1.00
CA VAL A 146 5.67 -5.40 -0.49
C VAL A 146 4.82 -5.26 0.76
N ALA A 147 5.28 -4.41 1.67
CA ALA A 147 4.58 -4.14 2.92
C ALA A 147 3.16 -3.65 2.69
N LEU A 148 2.91 -3.03 1.53
CA LEU A 148 1.60 -2.45 1.22
C LEU A 148 0.67 -3.39 0.44
N ILE A 149 1.19 -4.55 0.03
CA ILE A 149 0.35 -5.50 -0.70
C ILE A 149 -0.88 -5.83 0.12
N PRO A 150 -2.08 -5.66 -0.45
CA PRO A 150 -3.31 -5.91 0.32
C PRO A 150 -3.45 -7.37 0.73
N PRO A 151 -4.19 -7.63 1.82
CA PRO A 151 -4.41 -9.01 2.24
C PRO A 151 -4.98 -9.84 1.10
N THR A 152 -4.48 -11.06 0.97
CA THR A 152 -4.83 -11.91 -0.15
C THR A 152 -6.22 -12.51 0.05
N LEU A 153 -7.15 -12.09 -0.78
CA LEU A 153 -8.52 -12.58 -0.72
C LEU A 153 -8.56 -14.08 -1.03
N PRO A 154 -9.53 -14.80 -0.43
CA PRO A 154 -9.74 -16.21 -0.77
C PRO A 154 -9.99 -16.35 -2.28
N GLY A 155 -9.64 -17.51 -2.84
CA GLY A 155 -9.88 -17.75 -4.26
C GLY A 155 -9.11 -16.82 -5.18
N THR A 156 -7.91 -16.43 -4.77
CA THR A 156 -7.04 -15.66 -5.65
C THR A 156 -6.30 -16.60 -6.60
N ASN A 157 -6.85 -16.77 -7.79
CA ASN A 157 -6.22 -17.58 -8.82
C ASN A 157 -5.40 -16.71 -9.74
N ILE A 158 -4.11 -16.96 -9.78
CA ILE A 158 -3.24 -16.17 -10.65
C ILE A 158 -2.66 -17.06 -11.73
N VAL A 159 -2.83 -16.62 -12.98
CA VAL A 159 -2.29 -17.33 -14.14
C VAL A 159 -1.04 -16.62 -14.63
N LEU A 160 0.10 -17.31 -14.60
CA LEU A 160 1.34 -16.75 -15.09
C LEU A 160 1.69 -17.40 -16.42
N GLY A 161 2.48 -16.70 -17.21
CA GLY A 161 2.75 -17.14 -18.56
C GLY A 161 4.10 -17.78 -18.76
N ALA A 162 4.14 -18.77 -19.64
CA ALA A 162 5.40 -19.41 -20.04
C ALA A 162 5.59 -19.24 -21.55
N LEU A 163 6.81 -18.89 -21.94
CA LEU A 163 7.14 -18.64 -23.34
C LEU A 163 8.66 -18.64 -23.47
N PRO A 164 9.18 -19.37 -24.46
CA PRO A 164 10.63 -19.39 -24.71
C PRO A 164 11.16 -17.98 -24.93
N GLU A 165 12.34 -17.70 -24.38
CA GLU A 165 12.90 -16.35 -24.47
C GLU A 165 13.00 -15.83 -25.90
N ASP A 166 13.44 -16.69 -26.81
CA ASP A 166 13.58 -16.34 -28.22
C ASP A 166 12.25 -15.93 -28.85
N ARG A 167 11.21 -16.74 -28.66
CA ARG A 167 9.87 -16.39 -29.13
C ARG A 167 9.34 -15.13 -28.46
N HIS A 168 9.61 -14.98 -27.17
CA HIS A 168 9.18 -13.79 -26.43
C HIS A 168 9.86 -12.54 -26.98
N ILE A 169 11.16 -12.62 -27.19
CA ILE A 169 11.91 -11.50 -27.77
C ILE A 169 11.36 -11.14 -29.15
N ASP A 170 11.12 -12.16 -29.97
CA ASP A 170 10.55 -11.94 -31.30
C ASP A 170 9.19 -11.27 -31.21
N ARG A 171 8.34 -11.77 -30.31
CA ARG A 171 7.00 -11.23 -30.18
C ARG A 171 7.03 -9.77 -29.76
N LEU A 172 7.94 -9.46 -28.84
CA LEU A 172 8.05 -8.10 -28.33
C LEU A 172 8.67 -7.19 -29.38
N ALA A 173 9.62 -7.72 -30.14
CA ALA A 173 10.34 -6.97 -31.17
C ALA A 173 9.40 -6.39 -32.21
N LYS A 174 8.30 -7.09 -32.48
CA LYS A 174 7.27 -6.58 -33.36
C LYS A 174 6.39 -5.60 -32.59
N ARG A 175 5.30 -6.12 -32.02
CA ARG A 175 4.36 -5.30 -31.27
C ARG A 175 5.01 -4.60 -30.08
N PRO A 178 1.44 4.35 -26.18
CA PRO A 178 2.06 3.56 -25.12
C PRO A 178 3.34 4.20 -24.58
N GLY A 179 4.42 4.16 -25.35
CA GLY A 179 5.67 4.80 -24.95
C GLY A 179 6.79 3.84 -24.63
N GLU A 180 6.56 2.56 -24.88
CA GLU A 180 7.53 1.52 -24.56
C GLU A 180 8.75 1.55 -25.49
N ARG A 181 9.90 1.12 -24.98
CA ARG A 181 11.10 0.92 -25.80
C ARG A 181 11.54 -0.53 -25.71
N LEU A 182 12.23 -1.01 -26.74
CA LEU A 182 12.70 -2.41 -26.77
C LEU A 182 13.85 -2.65 -25.80
N ASP A 183 13.50 -2.94 -24.55
CA ASP A 183 14.49 -3.14 -23.50
C ASP A 183 14.59 -4.63 -23.17
N LEU A 184 15.60 -5.29 -23.71
CA LEU A 184 15.78 -6.73 -23.52
C LEU A 184 16.29 -7.07 -22.12
N ALA A 185 16.97 -6.10 -21.49
CA ALA A 185 17.46 -6.27 -20.13
C ALA A 185 16.29 -6.32 -19.15
N MET A 186 15.36 -5.38 -19.33
CA MET A 186 14.11 -5.37 -18.57
C MET A 186 13.30 -6.64 -18.84
N LEU A 187 13.27 -7.10 -20.08
CA LEU A 187 12.54 -8.32 -20.42
C LEU A 187 13.10 -9.51 -19.67
N ALA A 188 14.43 -9.59 -19.60
CA ALA A 188 15.07 -10.68 -18.88
C ALA A 188 14.76 -10.57 -17.38
N ALA A 189 14.80 -9.36 -16.87
CA ALA A 189 14.55 -9.12 -15.45
C ALA A 189 13.13 -9.51 -15.05
N ILE A 190 12.16 -9.07 -15.85
CA ILE A 190 10.77 -9.35 -15.51
C ILE A 190 10.44 -10.85 -15.68
N ARG A 191 11.03 -11.51 -16.68
CA ARG A 191 10.87 -12.95 -16.82
C ARG A 191 11.46 -13.66 -15.60
N ARG A 192 12.63 -13.22 -15.16
CA ARG A 192 13.25 -13.83 -13.99
C ARG A 192 12.38 -13.65 -12.75
N VAL A 193 11.88 -12.43 -12.56
CA VAL A 193 11.05 -12.13 -11.38
C VAL A 193 9.78 -12.98 -11.32
N TYR A 194 9.08 -13.12 -12.45
CA TYR A 194 7.90 -13.98 -12.45
C TYR A 194 8.23 -15.46 -12.31
N GLY A 195 9.40 -15.87 -12.81
CA GLY A 195 9.87 -17.23 -12.53
C GLY A 195 10.09 -17.45 -11.02
N LEU A 196 10.78 -16.51 -10.40
CA LEU A 196 11.01 -16.56 -8.95
C LEU A 196 9.68 -16.57 -8.21
N LEU A 197 8.74 -15.73 -8.68
CA LEU A 197 7.42 -15.67 -8.09
C LEU A 197 6.72 -17.04 -8.04
N ALA A 198 6.70 -17.74 -9.17
CA ALA A 198 6.06 -19.04 -9.22
C ALA A 198 6.73 -20.00 -8.22
N ASN A 199 8.05 -19.98 -8.19
CA ASN A 199 8.78 -20.85 -7.28
C ASN A 199 8.49 -20.46 -5.83
N THR A 200 8.26 -19.17 -5.60
CA THR A 200 8.06 -18.71 -4.23
C THR A 200 6.75 -19.22 -3.70
N VAL A 201 5.73 -19.23 -4.54
CA VAL A 201 4.43 -19.73 -4.11
C VAL A 201 4.53 -21.24 -3.82
N ARG A 202 5.19 -21.95 -4.70
CA ARG A 202 5.34 -23.41 -4.51
C ARG A 202 6.19 -23.70 -3.24
N TYR A 203 7.24 -22.91 -3.03
CA TYR A 203 8.08 -23.01 -1.83
C TYR A 203 7.25 -22.85 -0.55
N LEU A 204 6.41 -21.82 -0.52
CA LEU A 204 5.58 -21.56 0.65
C LEU A 204 4.51 -22.63 0.84
N GLN A 205 3.96 -23.11 -0.27
CA GLN A 205 2.88 -24.08 -0.17
C GLN A 205 3.44 -25.48 0.16
N CYS A 206 4.74 -25.64 0.00
CA CYS A 206 5.39 -26.90 0.36
C CYS A 206 5.94 -26.81 1.77
N GLY A 207 5.63 -25.72 2.47
CA GLY A 207 6.03 -25.57 3.85
C GLY A 207 7.34 -24.82 4.09
N GLY A 208 7.85 -24.17 3.05
CA GLY A 208 9.11 -23.45 3.13
C GLY A 208 9.02 -22.31 4.14
N SER A 209 10.04 -22.20 4.98
CA SER A 209 10.14 -21.10 5.93
C SER A 209 11.41 -20.32 5.62
N TRP A 210 11.24 -19.10 5.13
CA TRP A 210 12.40 -18.34 4.65
C TRP A 210 13.37 -18.07 5.80
N ARG A 211 12.86 -17.89 7.01
CA ARG A 211 13.72 -17.62 8.16
C ARG A 211 14.58 -18.85 8.46
N GLU A 212 13.99 -20.03 8.29
CA GLU A 212 14.72 -21.27 8.55
C GLU A 212 15.80 -21.51 7.48
N ASP A 213 15.51 -21.13 6.24
CA ASP A 213 16.44 -21.36 5.14
C ASP A 213 17.34 -20.17 4.75
N TRP A 214 17.22 -19.04 5.44
CA TRP A 214 17.97 -17.83 5.05
C TRP A 214 19.46 -18.09 4.85
N GLY A 215 20.02 -18.90 5.74
CA GLY A 215 21.45 -19.21 5.68
C GLY A 215 21.88 -19.98 4.44
N GLN A 216 20.92 -20.64 3.78
CA GLN A 216 21.22 -21.40 2.57
C GLN A 216 21.48 -20.50 1.36
N LEU A 217 21.27 -19.20 1.55
CA LEU A 217 21.61 -18.21 0.53
C LEU A 217 23.03 -17.72 0.78
N SER A 218 23.78 -17.51 -0.29
CA SER A 218 25.12 -16.92 -0.19
C SER A 218 25.64 -16.54 -1.57
N GLY A 219 26.16 -17.53 -2.29
CA GLY A 219 26.59 -17.33 -3.66
C GLY A 219 25.40 -17.49 -4.58
N PRO A 229 10.40 -23.10 -14.08
CA PRO A 229 9.53 -22.91 -12.91
C PRO A 229 8.11 -23.42 -13.13
N GLN A 230 7.41 -23.67 -12.03
CA GLN A 230 6.03 -24.14 -12.05
C GLN A 230 5.48 -24.10 -10.63
N SER A 231 4.19 -23.81 -10.49
CA SER A 231 3.54 -24.08 -9.22
C SER A 231 2.32 -24.97 -9.41
N ASN A 232 1.74 -25.39 -8.29
CA ASN A 232 0.72 -26.43 -8.21
C ASN A 232 1.35 -27.80 -8.43
N ALA A 233 2.65 -27.80 -8.69
CA ALA A 233 3.35 -29.02 -9.05
C ALA A 233 4.84 -28.98 -8.70
N GLY A 234 5.41 -30.16 -8.50
CA GLY A 234 6.84 -30.26 -8.31
C GLY A 234 7.21 -30.24 -6.85
N PRO A 235 8.50 -30.48 -6.59
CA PRO A 235 8.98 -30.53 -5.21
C PRO A 235 9.26 -29.12 -4.71
N ARG A 236 9.67 -29.02 -3.45
CA ARG A 236 10.01 -27.71 -2.88
C ARG A 236 11.27 -27.11 -3.49
N PRO A 237 11.15 -25.90 -4.06
CA PRO A 237 12.33 -25.21 -4.56
C PRO A 237 13.30 -24.82 -3.45
N HIS A 238 14.57 -24.67 -3.82
CA HIS A 238 15.59 -24.07 -2.97
C HIS A 238 15.24 -22.60 -2.79
N ILE A 239 15.48 -22.05 -1.61
CA ILE A 239 15.19 -20.64 -1.34
C ILE A 239 15.90 -19.73 -2.34
N GLY A 240 17.05 -20.17 -2.84
CA GLY A 240 17.81 -19.44 -3.82
C GLY A 240 17.11 -19.28 -5.16
N ASP A 241 16.07 -20.08 -5.37
CA ASP A 241 15.29 -19.98 -6.60
C ASP A 241 13.95 -19.29 -6.35
N THR A 242 13.84 -18.56 -5.24
CA THR A 242 12.60 -17.86 -4.91
C THR A 242 12.90 -16.37 -4.79
N LEU A 243 11.83 -15.57 -4.64
CA LEU A 243 11.99 -14.12 -4.53
C LEU A 243 12.83 -13.72 -3.32
N PHE A 244 12.89 -14.59 -2.32
CA PHE A 244 13.64 -14.25 -1.10
C PHE A 244 15.10 -13.96 -1.39
N THR A 245 15.60 -14.60 -2.44
CA THR A 245 17.00 -14.44 -2.82
C THR A 245 17.35 -13.01 -3.21
N LEU A 246 16.36 -12.23 -3.65
CA LEU A 246 16.64 -10.87 -4.11
C LEU A 246 17.02 -9.93 -2.98
N PHE A 247 16.67 -10.30 -1.76
CA PHE A 247 16.77 -9.37 -0.64
C PHE A 247 17.97 -9.67 0.27
N ARG A 248 18.94 -10.38 -0.30
CA ARG A 248 20.23 -10.59 0.33
C ARG A 248 21.12 -9.49 -0.25
N ALA A 249 20.78 -8.25 0.07
CA ALA A 249 21.42 -7.07 -0.49
C ALA A 249 22.05 -6.28 0.64
N PRO A 250 23.24 -5.72 0.40
CA PRO A 250 24.00 -5.07 1.47
C PRO A 250 23.20 -3.95 2.15
N GLU A 251 22.37 -3.24 1.39
CA GLU A 251 21.53 -2.18 1.95
C GLU A 251 20.63 -2.69 3.07
N LEU A 252 20.21 -3.95 2.98
CA LEU A 252 19.24 -4.50 3.92
C LEU A 252 19.90 -5.19 5.10
N LEU A 253 21.23 -5.27 5.09
CA LEU A 253 21.95 -6.06 6.07
C LEU A 253 22.62 -5.20 7.15
N ALA A 254 22.44 -5.62 8.40
CA ALA A 254 23.10 -5.00 9.54
C ALA A 254 24.58 -5.38 9.53
N PRO A 255 25.43 -4.62 10.25
CA PRO A 255 26.86 -4.95 10.35
C PRO A 255 27.09 -6.41 10.72
N ASN A 256 26.24 -6.96 11.60
CA ASN A 256 26.38 -8.35 12.00
C ASN A 256 26.05 -9.36 10.90
N GLY A 257 25.63 -8.86 9.75
CA GLY A 257 25.34 -9.71 8.61
C GLY A 257 23.88 -10.11 8.41
N ASP A 258 23.06 -9.96 9.45
CA ASP A 258 21.66 -10.36 9.34
C ASP A 258 20.79 -9.24 8.77
N LEU A 259 19.58 -9.60 8.36
CA LEU A 259 18.62 -8.60 7.90
C LEU A 259 18.20 -7.73 9.07
N TYR A 260 18.07 -6.43 8.82
CA TYR A 260 17.40 -5.60 9.81
C TYR A 260 16.01 -6.18 9.97
N ASN A 261 15.50 -6.14 11.20
CA ASN A 261 14.18 -6.68 11.50
C ASN A 261 13.07 -6.06 10.66
N VAL A 262 13.19 -4.78 10.35
CA VAL A 262 12.16 -4.10 9.56
C VAL A 262 12.02 -4.76 8.18
N PHE A 263 13.15 -5.17 7.61
CA PHE A 263 13.11 -5.79 6.30
C PHE A 263 12.70 -7.26 6.41
N ALA A 264 13.05 -7.89 7.53
CA ALA A 264 12.65 -9.26 7.78
C ALA A 264 11.13 -9.35 7.91
N TRP A 265 10.54 -8.36 8.57
CA TRP A 265 9.09 -8.33 8.69
C TRP A 265 8.43 -8.16 7.32
N ALA A 266 9.04 -7.37 6.44
CA ALA A 266 8.51 -7.24 5.08
C ALA A 266 8.54 -8.60 4.35
N LEU A 267 9.57 -9.41 4.59
CA LEU A 267 9.60 -10.74 3.96
C LEU A 267 8.53 -11.64 4.59
N ASP A 268 8.30 -11.47 5.89
CA ASP A 268 7.21 -12.19 6.56
C ASP A 268 5.90 -11.87 5.87
N VAL A 269 5.73 -10.61 5.50
CA VAL A 269 4.51 -10.19 4.82
C VAL A 269 4.44 -10.79 3.41
N LEU A 270 5.57 -10.77 2.72
CA LEU A 270 5.64 -11.38 1.40
C LEU A 270 5.18 -12.84 1.47
N ALA A 271 5.71 -13.58 2.45
CA ALA A 271 5.35 -14.98 2.62
C ALA A 271 3.85 -15.14 2.87
N LYS A 272 3.33 -14.31 3.76
CA LYS A 272 1.91 -14.40 4.12
C LYS A 272 1.03 -14.16 2.91
N ARG A 273 1.35 -13.13 2.12
CA ARG A 273 0.51 -12.74 1.00
C ARG A 273 0.52 -13.80 -0.11
N LEU A 274 1.70 -14.30 -0.43
CA LEU A 274 1.85 -15.25 -1.55
C LEU A 274 1.41 -16.68 -1.23
N ARG A 275 1.49 -17.07 0.04
CA ARG A 275 1.30 -18.49 0.37
C ARG A 275 -0.12 -18.99 0.16
N SER A 276 -1.09 -18.09 0.14
CA SER A 276 -2.49 -18.51 0.01
C SER A 276 -2.98 -18.37 -1.42
N MET A 277 -2.11 -17.94 -2.32
CA MET A 277 -2.47 -17.78 -3.72
C MET A 277 -2.48 -19.12 -4.46
N HIS A 278 -3.29 -19.22 -5.50
CA HIS A 278 -3.36 -20.41 -6.33
C HIS A 278 -2.79 -20.06 -7.69
N VAL A 279 -1.61 -20.59 -7.98
CA VAL A 279 -0.88 -20.23 -9.19
C VAL A 279 -1.00 -21.28 -10.28
N PHE A 280 -1.25 -20.82 -11.51
CA PHE A 280 -1.33 -21.70 -12.66
C PHE A 280 -0.39 -21.16 -13.72
N ILE A 281 0.15 -22.05 -14.55
CA ILE A 281 1.05 -21.61 -15.60
C ILE A 281 0.40 -21.87 -16.95
N LEU A 282 0.32 -20.84 -17.78
CA LEU A 282 -0.24 -20.99 -19.11
C LEU A 282 0.87 -20.91 -20.14
N ASP A 283 0.91 -21.89 -21.04
CA ASP A 283 1.87 -21.90 -22.14
C ASP A 283 1.39 -20.99 -23.28
N TYR A 284 2.07 -19.87 -23.50
CA TYR A 284 1.72 -18.93 -24.57
C TYR A 284 2.38 -19.26 -25.92
N ASP A 285 3.12 -20.35 -25.99
CA ASP A 285 3.83 -20.71 -27.22
C ASP A 285 2.89 -21.47 -28.17
N GLN A 286 1.80 -20.80 -28.57
CA GLN A 286 0.82 -21.36 -29.50
C GLN A 286 -0.06 -20.24 -30.02
N SER A 287 -0.97 -20.58 -30.92
CA SER A 287 -1.86 -19.59 -31.53
C SER A 287 -2.78 -18.98 -30.48
N PRO A 288 -3.35 -17.80 -30.78
CA PRO A 288 -4.27 -17.18 -29.84
C PRO A 288 -5.45 -18.08 -29.48
N ALA A 289 -6.02 -18.80 -30.45
CA ALA A 289 -7.10 -19.74 -30.11
C ALA A 289 -6.58 -20.87 -29.20
N GLY A 290 -5.34 -21.30 -29.45
CA GLY A 290 -4.71 -22.31 -28.61
C GLY A 290 -4.57 -21.84 -27.17
N CYS A 291 -4.10 -20.61 -26.99
CA CYS A 291 -3.97 -20.06 -25.64
C CYS A 291 -5.32 -19.98 -24.94
N ARG A 292 -6.33 -19.55 -25.67
CA ARG A 292 -7.68 -19.46 -25.14
C ARG A 292 -8.19 -20.80 -24.60
N ASP A 293 -8.06 -21.86 -25.40
CA ASP A 293 -8.61 -23.14 -24.99
C ASP A 293 -7.79 -23.73 -23.86
N ALA A 294 -6.51 -23.44 -23.86
CA ALA A 294 -5.63 -23.90 -22.78
C ALA A 294 -6.01 -23.21 -21.47
N LEU A 295 -6.27 -21.91 -21.54
CA LEU A 295 -6.73 -21.18 -20.38
C LEU A 295 -8.08 -21.71 -19.92
N LEU A 296 -8.96 -22.02 -20.86
CA LEU A 296 -10.28 -22.52 -20.51
C LEU A 296 -10.18 -23.83 -19.71
N GLN A 297 -9.30 -24.72 -20.14
CA GLN A 297 -9.07 -26.01 -19.48
C GLN A 297 -8.52 -25.76 -18.07
N LEU A 298 -7.61 -24.80 -17.96
CA LEU A 298 -6.97 -24.44 -16.72
C LEU A 298 -7.99 -23.99 -15.66
N THR A 299 -9.04 -23.30 -16.09
CA THR A 299 -10.00 -22.76 -15.13
C THR A 299 -10.76 -23.86 -14.41
N SER A 300 -10.81 -25.05 -15.00
CA SER A 300 -11.50 -26.18 -14.37
C SER A 300 -10.96 -26.50 -12.98
N GLY A 301 -9.66 -26.28 -12.77
CA GLY A 301 -9.05 -26.52 -11.48
C GLY A 301 -8.87 -25.30 -10.58
N MET A 302 -9.57 -24.22 -10.90
CA MET A 302 -9.41 -22.97 -10.13
C MET A 302 -10.41 -22.88 -8.98
N VAL A 303 -10.06 -22.06 -7.98
CA VAL A 303 -10.83 -22.01 -6.75
C VAL A 303 -11.89 -20.92 -6.74
N GLN A 304 -13.14 -21.33 -6.52
CA GLN A 304 -14.24 -20.38 -6.42
C GLN A 304 -14.44 -19.95 -4.98
N THR A 305 -15.19 -18.87 -4.78
CA THR A 305 -15.56 -18.46 -3.43
C THR A 305 -17.05 -18.16 -3.39
N HIS A 306 -17.61 -18.17 -2.19
CA HIS A 306 -18.95 -17.64 -2.00
C HIS A 306 -18.86 -16.11 -2.03
N VAL A 307 -19.99 -15.45 -2.24
CA VAL A 307 -20.06 -14.02 -2.02
C VAL A 307 -20.81 -13.77 -0.72
N THR A 308 -20.69 -12.56 -0.18
CA THR A 308 -21.20 -12.28 1.17
C THR A 308 -22.65 -11.81 1.21
N THR A 309 -23.16 -11.32 0.08
CA THR A 309 -24.55 -10.88 -0.01
C THR A 309 -25.17 -11.42 -1.30
N PRO A 310 -26.51 -11.50 -1.36
CA PRO A 310 -27.13 -11.98 -2.60
C PRO A 310 -26.86 -11.03 -3.75
N GLY A 311 -26.95 -9.73 -3.48
CA GLY A 311 -26.77 -8.71 -4.50
C GLY A 311 -25.33 -8.42 -4.87
N SER A 312 -24.41 -9.22 -4.33
CA SER A 312 -22.99 -9.06 -4.62
C SER A 312 -22.69 -9.25 -6.10
N ILE A 313 -23.33 -10.24 -6.73
CA ILE A 313 -23.04 -10.54 -8.12
C ILE A 313 -23.28 -9.34 -9.07
N PRO A 314 -24.52 -8.81 -9.11
CA PRO A 314 -24.69 -7.68 -10.03
C PRO A 314 -23.85 -6.47 -9.62
N THR A 315 -23.67 -6.28 -8.32
CA THR A 315 -22.82 -5.21 -7.81
C THR A 315 -21.41 -5.35 -8.38
N ILE A 316 -20.82 -6.52 -8.15
CA ILE A 316 -19.50 -6.86 -8.67
C ILE A 316 -19.48 -6.71 -10.17
N CYS A 317 -20.57 -7.13 -10.82
CA CYS A 317 -20.69 -6.99 -12.26
C CYS A 317 -20.63 -5.54 -12.73
N ASP A 318 -21.36 -4.67 -12.07
CA ASP A 318 -21.37 -3.25 -12.43
C ASP A 318 -20.00 -2.60 -12.23
N LEU A 319 -19.33 -2.96 -11.13
CA LEU A 319 -18.01 -2.43 -10.83
C LEU A 319 -17.05 -2.76 -11.97
N ALA A 320 -17.07 -4.02 -12.41
CA ALA A 320 -16.20 -4.43 -13.51
C ALA A 320 -16.46 -3.69 -14.82
N ARG A 321 -17.73 -3.57 -15.21
CA ARG A 321 -18.04 -2.88 -16.46
C ARG A 321 -17.74 -1.38 -16.39
N THR A 322 -18.04 -0.80 -15.24
CA THR A 322 -17.69 0.60 -14.98
C THR A 322 -16.20 0.81 -15.18
N PHE A 323 -15.40 -0.04 -14.52
CA PHE A 323 -13.95 -0.03 -14.68
C PHE A 323 -13.58 -0.15 -16.14
N ALA A 324 -14.10 -1.19 -16.80
CA ALA A 324 -13.76 -1.46 -18.19
C ALA A 324 -14.08 -0.24 -19.09
N ARG A 325 -15.29 0.28 -18.94
CA ARG A 325 -15.70 1.47 -19.70
C ARG A 325 -14.77 2.66 -19.51
N GLU A 326 -14.37 2.92 -18.28
CA GLU A 326 -13.65 4.15 -17.98
C GLU A 326 -12.15 4.11 -18.25
N MET A 327 -11.51 2.99 -17.93
CA MET A 327 -10.04 2.96 -17.96
C MET A 327 -9.46 2.07 -19.04
N GLY A 328 -10.35 1.38 -19.75
CA GLY A 328 -9.94 0.51 -20.85
C GLY A 328 -9.76 1.31 -22.12
N GLU A 329 -9.03 0.74 -23.07
CA GLU A 329 -8.70 1.41 -24.33
C GLU A 329 -9.88 1.44 -25.31
N MET B 1 -9.38 -15.51 25.22
CA MET B 1 -8.07 -14.97 24.88
C MET B 1 -7.82 -13.62 25.56
N PRO B 2 -6.55 -13.30 25.85
CA PRO B 2 -6.26 -12.05 26.56
C PRO B 2 -6.66 -10.81 25.75
N THR B 3 -6.76 -9.68 26.43
CA THR B 3 -7.20 -8.45 25.78
C THR B 3 -6.05 -7.51 25.50
N LEU B 4 -6.23 -6.67 24.49
CA LEU B 4 -5.19 -5.75 24.05
C LEU B 4 -5.78 -4.36 23.84
N LEU B 5 -5.02 -3.34 24.20
CA LEU B 5 -5.41 -1.97 23.91
C LEU B 5 -4.33 -1.32 23.04
N ARG B 6 -4.70 -0.91 21.83
CA ARG B 6 -3.77 -0.19 20.98
C ARG B 6 -4.16 1.27 20.96
N VAL B 7 -3.15 2.12 21.08
CA VAL B 7 -3.36 3.56 21.09
C VAL B 7 -2.37 4.15 20.11
N TYR B 8 -2.88 4.81 19.08
CA TYR B 8 -2.00 5.47 18.13
C TYR B 8 -1.99 6.96 18.41
N ILE B 9 -0.84 7.48 18.79
CA ILE B 9 -0.68 8.90 19.07
CA ILE B 9 -0.70 8.90 19.06
C ILE B 9 -0.28 9.61 17.79
N ASP B 10 -1.16 10.45 17.27
CA ASP B 10 -0.96 11.00 15.95
C ASP B 10 -1.33 12.47 15.96
N GLY B 11 -1.60 13.03 14.79
CA GLY B 11 -1.80 14.46 14.72
C GLY B 11 -0.57 15.15 14.15
N PRO B 12 -0.66 16.46 13.94
CA PRO B 12 0.45 17.23 13.38
C PRO B 12 1.66 17.11 14.28
N HIS B 13 2.84 17.01 13.70
CA HIS B 13 4.05 16.90 14.51
C HIS B 13 4.37 18.25 15.14
N GLY B 14 5.15 18.22 16.21
CA GLY B 14 5.63 19.44 16.84
C GLY B 14 4.73 19.99 17.93
N MET B 15 3.73 19.21 18.36
CA MET B 15 2.83 19.69 19.42
C MET B 15 3.32 19.35 20.81
N GLY B 16 4.22 18.37 20.89
CA GLY B 16 4.60 17.78 22.16
C GLY B 16 5.89 18.30 22.78
N LYS B 17 6.43 17.51 23.70
CA LYS B 17 7.66 17.88 24.40
C LYS B 17 8.57 16.65 24.59
N THR B 18 9.83 16.92 24.90
CA THR B 18 10.82 15.86 25.06
C THR B 18 10.56 15.15 26.38
N THR B 19 10.10 15.93 27.35
CA THR B 19 9.65 15.38 28.63
C THR B 19 8.33 14.62 28.44
N THR B 20 7.58 15.00 27.40
CA THR B 20 6.36 14.27 27.06
C THR B 20 6.71 12.86 26.61
N THR B 21 7.54 12.73 25.57
CA THR B 21 7.94 11.41 25.09
C THR B 21 8.70 10.60 26.14
N GLN B 22 9.46 11.28 26.99
CA GLN B 22 10.21 10.61 28.06
C GLN B 22 9.27 9.94 29.05
N LEU B 23 8.18 10.63 29.38
CA LEU B 23 7.14 10.08 30.23
C LEU B 23 6.49 8.88 29.56
N LEU B 24 6.31 8.99 28.25
CA LEU B 24 5.76 7.90 27.44
C LEU B 24 6.66 6.66 27.49
N VAL B 25 7.95 6.88 27.29
CA VAL B 25 8.94 5.80 27.41
C VAL B 25 8.95 5.29 28.84
N ALA B 26 8.77 6.20 29.79
CA ALA B 26 8.71 5.84 31.21
C ALA B 26 7.51 4.96 31.48
N LEU B 27 6.38 5.33 30.88
CA LEU B 27 5.16 4.52 30.95
C LEU B 27 5.44 3.10 30.46
N GLY B 28 6.15 2.98 29.35
CA GLY B 28 6.45 1.69 28.75
C GLY B 28 7.39 0.79 29.53
N SER B 29 7.99 1.32 30.60
CA SER B 29 8.91 0.54 31.43
C SER B 29 8.24 -0.67 32.07
N ARG B 30 6.93 -0.58 32.27
CA ARG B 30 6.15 -1.67 32.84
C ARG B 30 6.03 -2.84 31.88
N ASP B 31 5.63 -4.00 32.41
CA ASP B 31 5.40 -5.18 31.59
C ASP B 31 4.06 -5.08 30.86
N ASP B 32 3.16 -4.25 31.38
CA ASP B 32 1.79 -4.20 30.84
C ASP B 32 1.62 -3.20 29.71
N ILE B 33 2.68 -2.48 29.37
CA ILE B 33 2.61 -1.45 28.34
C ILE B 33 3.93 -1.30 27.58
N VAL B 34 3.84 -1.18 26.26
CA VAL B 34 5.02 -0.95 25.44
C VAL B 34 4.83 0.26 24.55
N TYR B 35 5.83 1.13 24.49
CA TYR B 35 5.80 2.31 23.64
C TYR B 35 6.61 2.09 22.35
N VAL B 36 5.93 2.18 21.20
CA VAL B 36 6.55 2.01 19.89
C VAL B 36 6.88 3.38 19.31
N PRO B 37 8.17 3.72 19.30
CA PRO B 37 8.58 5.09 19.05
C PRO B 37 8.68 5.40 17.57
N GLU B 38 8.85 6.68 17.30
CA GLU B 38 9.04 7.18 15.96
C GLU B 38 10.25 6.53 15.29
N PRO B 39 10.07 5.95 14.10
CA PRO B 39 11.16 5.17 13.49
C PRO B 39 12.21 6.05 12.81
N MET B 40 12.80 6.98 13.57
CA MET B 40 13.71 7.96 13.00
C MET B 40 14.93 7.35 12.35
N THR B 41 15.45 6.27 12.93
CA THR B 41 16.59 5.60 12.31
C THR B 41 16.24 5.06 10.92
N TYR B 42 14.98 4.65 10.71
CA TYR B 42 14.61 4.18 9.38
C TYR B 42 14.68 5.34 8.39
N TRP B 43 14.14 6.48 8.80
CA TRP B 43 14.06 7.66 7.95
C TRP B 43 15.42 8.25 7.61
N ARG B 44 16.32 8.25 8.58
CA ARG B 44 17.62 8.88 8.41
C ARG B 44 18.67 7.95 7.77
N VAL B 45 18.57 6.65 8.06
CA VAL B 45 19.61 5.69 7.64
C VAL B 45 19.13 4.40 6.93
N LEU B 46 18.25 3.63 7.56
CA LEU B 46 17.91 2.30 7.02
C LEU B 46 17.15 2.32 5.69
N GLY B 47 16.14 3.17 5.59
CA GLY B 47 15.29 3.18 4.41
C GLY B 47 15.85 4.02 3.28
N ALA B 48 16.56 5.07 3.65
CA ALA B 48 17.17 5.98 2.70
C ALA B 48 18.02 6.94 3.50
N SER B 49 18.77 7.80 2.83
CA SER B 49 19.60 8.75 3.57
C SER B 49 18.86 10.05 3.81
N GLU B 50 18.65 10.35 5.09
CA GLU B 50 18.08 11.63 5.55
C GLU B 50 16.81 12.00 4.80
N THR B 51 15.80 11.13 4.86
CA THR B 51 14.57 11.35 4.14
C THR B 51 13.92 12.69 4.50
N ILE B 52 13.93 13.02 5.78
CA ILE B 52 13.29 14.25 6.23
C ILE B 52 13.95 15.46 5.57
N ALA B 53 15.29 15.49 5.58
CA ALA B 53 16.05 16.53 4.89
C ALA B 53 15.65 16.64 3.42
N ASN B 54 15.50 15.48 2.79
CA ASN B 54 15.14 15.40 1.39
C ASN B 54 13.79 16.06 1.15
N ILE B 55 12.84 15.74 2.02
CA ILE B 55 11.49 16.27 1.93
C ILE B 55 11.47 17.80 2.08
N TYR B 56 12.08 18.30 3.14
CA TYR B 56 12.04 19.75 3.36
C TYR B 56 12.88 20.57 2.37
N THR B 57 14.00 20.01 1.93
CA THR B 57 14.80 20.65 0.89
C THR B 57 14.04 20.78 -0.43
N THR B 58 13.38 19.70 -0.84
CA THR B 58 12.60 19.70 -2.07
C THR B 58 11.49 20.74 -2.05
N GLN B 59 10.76 20.83 -0.93
CA GLN B 59 9.68 21.79 -0.86
C GLN B 59 10.31 23.18 -0.94
N HIS B 60 11.42 23.35 -0.23
CA HIS B 60 12.12 24.64 -0.21
C HIS B 60 12.51 25.06 -1.63
N ARG B 61 13.14 24.14 -2.37
CA ARG B 61 13.54 24.41 -3.75
C ARG B 61 12.35 24.71 -4.67
N LEU B 62 11.22 24.05 -4.44
CA LEU B 62 10.01 24.33 -5.21
C LEU B 62 9.51 25.73 -4.88
N ASP B 63 9.46 26.04 -3.59
CA ASP B 63 9.00 27.35 -3.12
C ASP B 63 9.83 28.47 -3.76
N GLN B 64 11.12 28.18 -4.00
CA GLN B 64 12.05 29.19 -4.53
C GLN B 64 12.12 29.17 -6.05
N GLY B 65 11.36 28.27 -6.67
CA GLY B 65 11.31 28.18 -8.12
C GLY B 65 12.49 27.48 -8.76
N GLU B 66 13.24 26.72 -7.96
CA GLU B 66 14.43 26.06 -8.47
C GLU B 66 14.14 24.73 -9.16
N ILE B 67 12.99 24.13 -8.85
CA ILE B 67 12.55 22.92 -9.53
C ILE B 67 11.08 23.03 -9.91
N SER B 68 10.63 22.21 -10.86
CA SER B 68 9.23 22.24 -11.26
C SER B 68 8.35 21.56 -10.21
N ALA B 69 7.05 21.79 -10.32
CA ALA B 69 6.08 21.11 -9.48
C ALA B 69 6.11 19.61 -9.75
N GLY B 70 6.38 19.26 -11.00
CA GLY B 70 6.47 17.86 -11.41
C GLY B 70 7.67 17.18 -10.77
N ASP B 71 8.81 17.84 -10.79
CA ASP B 71 10.02 17.32 -10.17
C ASP B 71 9.85 17.14 -8.68
N ALA B 72 9.19 18.10 -8.04
CA ALA B 72 9.01 18.03 -6.59
C ALA B 72 8.06 16.87 -6.24
N ALA B 73 7.02 16.69 -7.04
CA ALA B 73 6.05 15.62 -6.79
C ALA B 73 6.64 14.21 -6.83
N VAL B 74 7.53 13.93 -7.77
CA VAL B 74 8.13 12.61 -7.84
C VAL B 74 9.03 12.34 -6.62
N VAL B 75 9.72 13.38 -6.16
CA VAL B 75 10.58 13.25 -5.01
C VAL B 75 9.72 13.11 -3.76
N MET B 76 8.71 13.96 -3.65
CA MET B 76 7.79 13.94 -2.52
C MET B 76 7.09 12.59 -2.41
N THR B 77 6.57 12.10 -3.52
CA THR B 77 5.85 10.83 -3.53
C THR B 77 6.76 9.67 -3.09
N SER B 78 7.94 9.59 -3.70
CA SER B 78 8.91 8.55 -3.34
CA SER B 78 8.90 8.55 -3.34
C SER B 78 9.30 8.61 -1.86
N ALA B 79 9.54 9.81 -1.37
CA ALA B 79 9.93 9.96 0.03
C ALA B 79 8.82 9.54 1.01
N GLN B 80 7.56 9.81 0.66
CA GLN B 80 6.46 9.44 1.55
C GLN B 80 6.37 7.93 1.70
N ILE B 81 6.76 7.23 0.65
CA ILE B 81 6.79 5.77 0.69
CA ILE B 81 6.81 5.76 0.66
C ILE B 81 7.79 5.30 1.73
N THR B 82 8.98 5.89 1.72
CA THR B 82 9.99 5.57 2.73
C THR B 82 9.53 5.91 4.15
N MET B 83 8.89 7.07 4.30
CA MET B 83 8.41 7.52 5.59
C MET B 83 7.42 6.53 6.21
N GLY B 84 6.59 5.93 5.36
CA GLY B 84 5.48 5.12 5.84
C GLY B 84 5.78 3.66 6.04
N MET B 85 6.84 3.18 5.41
CA MET B 85 7.18 1.75 5.43
C MET B 85 7.13 1.11 6.85
N PRO B 86 7.75 1.74 7.87
CA PRO B 86 7.68 1.07 9.18
C PRO B 86 6.26 0.92 9.75
N TYR B 87 5.39 1.89 9.50
CA TYR B 87 4.01 1.77 9.98
C TYR B 87 3.28 0.67 9.24
N ALA B 88 3.52 0.61 7.94
CA ALA B 88 2.80 -0.33 7.10
C ALA B 88 3.27 -1.74 7.39
N VAL B 89 4.57 -1.95 7.59
CA VAL B 89 5.05 -3.29 7.91
CA VAL B 89 5.11 -3.25 7.95
C VAL B 89 4.52 -3.74 9.27
N THR B 90 4.46 -2.80 10.22
CA THR B 90 4.02 -3.11 11.56
C THR B 90 2.56 -3.49 11.57
N ASP B 91 1.75 -2.73 10.82
CA ASP B 91 0.35 -3.09 10.72
C ASP B 91 0.15 -4.47 10.10
N ALA B 92 0.92 -4.78 9.06
CA ALA B 92 0.72 -6.02 8.32
C ALA B 92 1.05 -7.24 9.19
N VAL B 93 2.09 -7.12 10.01
CA VAL B 93 2.48 -8.25 10.85
C VAL B 93 1.61 -8.35 12.09
N LEU B 94 1.11 -7.21 12.56
CA LEU B 94 0.28 -7.20 13.76
C LEU B 94 -1.15 -7.64 13.47
N ALA B 95 -1.66 -7.29 12.28
CA ALA B 95 -3.07 -7.48 11.95
C ALA B 95 -3.66 -8.88 12.23
N PRO B 96 -2.96 -9.95 11.80
CA PRO B 96 -3.49 -11.31 12.10
C PRO B 96 -3.66 -11.59 13.59
N HIS B 97 -2.99 -10.84 14.46
CA HIS B 97 -3.10 -11.08 15.90
C HIS B 97 -4.32 -10.43 16.55
N ILE B 98 -4.98 -9.53 15.83
CA ILE B 98 -6.07 -8.76 16.42
C ILE B 98 -7.41 -9.45 16.25
N GLY B 99 -8.10 -9.68 17.36
CA GLY B 99 -9.41 -10.31 17.32
C GLY B 99 -10.52 -9.28 17.39
N GLY B 100 -11.67 -9.70 17.89
CA GLY B 100 -12.84 -8.84 17.95
C GLY B 100 -12.84 -7.98 19.19
N GLU B 101 -13.75 -7.01 19.24
CA GLU B 101 -13.86 -6.13 20.39
C GLU B 101 -14.07 -6.93 21.66
N ALA B 102 -13.52 -6.45 22.76
CA ALA B 102 -13.59 -7.15 24.04
C ALA B 102 -14.47 -6.40 25.03
N PRO B 108 -12.35 -3.29 33.27
CA PRO B 108 -11.48 -4.44 32.97
C PRO B 108 -10.14 -3.97 32.41
N PRO B 109 -9.03 -4.47 32.97
CA PRO B 109 -7.68 -4.11 32.51
C PRO B 109 -7.21 -5.00 31.36
N PRO B 110 -6.60 -4.39 30.33
CA PRO B 110 -6.05 -5.17 29.22
C PRO B 110 -4.77 -5.88 29.63
N ALA B 111 -4.54 -7.06 29.07
CA ALA B 111 -3.32 -7.80 29.35
C ALA B 111 -2.11 -7.00 28.89
N LEU B 112 -2.29 -6.20 27.84
CA LEU B 112 -1.19 -5.45 27.27
C LEU B 112 -1.73 -4.17 26.64
N THR B 113 -0.99 -3.08 26.83
CA THR B 113 -1.32 -1.83 26.16
C THR B 113 -0.18 -1.46 25.23
N LEU B 114 -0.51 -1.23 23.97
CA LEU B 114 0.49 -0.95 22.97
C LEU B 114 0.28 0.48 22.55
N ILE B 115 1.26 1.35 22.80
CA ILE B 115 1.16 2.75 22.41
C ILE B 115 2.11 3.06 21.26
N PHE B 116 1.56 3.51 20.14
CA PHE B 116 2.37 3.78 18.96
C PHE B 116 2.56 5.25 18.73
N ASP B 117 3.75 5.60 18.24
CA ASP B 117 3.99 6.92 17.67
C ASP B 117 3.47 6.84 16.23
N ARG B 118 2.24 7.34 16.04
CA ARG B 118 1.59 7.45 14.72
C ARG B 118 0.93 6.17 14.19
N HIS B 119 -0.05 6.40 13.32
CA HIS B 119 -0.83 5.36 12.69
C HIS B 119 -0.45 5.42 11.22
N PRO B 120 -0.63 4.31 10.49
CA PRO B 120 -0.37 4.35 9.04
C PRO B 120 -1.06 5.50 8.30
N ILE B 121 -2.23 5.97 8.72
CA ILE B 121 -2.83 7.08 7.97
C ILE B 121 -1.98 8.35 7.96
N ALA B 122 -1.06 8.49 8.91
CA ALA B 122 -0.18 9.68 8.89
C ALA B 122 0.61 9.73 7.57
N ALA B 123 1.15 8.58 7.18
CA ALA B 123 1.98 8.50 6.00
C ALA B 123 1.21 8.19 4.71
N LEU B 124 0.02 7.58 4.83
CA LEU B 124 -0.76 7.16 3.67
C LEU B 124 -1.94 8.09 3.35
N LEU B 125 -2.12 9.13 4.16
CA LEU B 125 -3.22 10.05 3.94
C LEU B 125 -2.85 11.48 4.33
N CYS B 126 -2.50 11.66 5.59
CA CYS B 126 -2.41 13.04 6.11
C CYS B 126 -1.26 13.87 5.57
N TYR B 127 -0.04 13.33 5.66
CA TYR B 127 1.10 14.05 5.10
C TYR B 127 1.07 14.17 3.57
N PRO B 128 0.68 13.08 2.86
CA PRO B 128 0.43 13.24 1.42
C PRO B 128 -0.59 14.35 1.10
N ALA B 129 -1.68 14.39 1.85
CA ALA B 129 -2.71 15.40 1.62
C ALA B 129 -2.18 16.81 1.91
N ALA B 130 -1.35 16.93 2.93
CA ALA B 130 -0.75 18.23 3.25
C ALA B 130 0.21 18.65 2.14
N ARG B 131 0.99 17.72 1.61
CA ARG B 131 1.89 18.05 0.52
C ARG B 131 1.13 18.43 -0.75
N TYR B 132 -0.01 17.76 -0.98
CA TYR B 132 -0.90 18.17 -2.06
C TYR B 132 -1.26 19.64 -1.86
N LEU B 133 -1.67 20.00 -0.65
CA LEU B 133 -2.02 21.41 -0.34
C LEU B 133 -0.83 22.37 -0.49
N MET B 134 0.38 21.82 -0.47
CA MET B 134 1.60 22.61 -0.62
C MET B 134 2.09 22.59 -2.06
N GLY B 135 1.27 22.00 -2.93
CA GLY B 135 1.59 21.94 -4.35
C GLY B 135 2.74 21.04 -4.74
N SER B 136 3.13 20.12 -3.85
CA SER B 136 4.27 19.24 -4.13
C SER B 136 3.88 17.77 -4.22
N MET B 137 2.58 17.49 -4.31
CA MET B 137 2.14 16.12 -4.63
C MET B 137 0.85 16.19 -5.43
N THR B 138 0.69 15.28 -6.40
CA THR B 138 -0.55 15.28 -7.18
C THR B 138 -1.67 14.64 -6.35
N PRO B 139 -2.93 15.05 -6.60
CA PRO B 139 -4.04 14.43 -5.87
C PRO B 139 -4.22 12.97 -6.29
N GLN B 140 -3.82 12.62 -7.52
CA GLN B 140 -3.84 11.21 -7.94
C GLN B 140 -2.91 10.37 -7.07
N ALA B 141 -1.72 10.88 -6.76
CA ALA B 141 -0.81 10.14 -5.89
C ALA B 141 -1.37 9.98 -4.48
N VAL B 142 -2.00 11.04 -3.97
CA VAL B 142 -2.59 10.98 -2.64
C VAL B 142 -3.64 9.85 -2.59
N LEU B 143 -4.50 9.77 -3.60
CA LEU B 143 -5.54 8.74 -3.60
C LEU B 143 -4.96 7.35 -3.85
N ALA B 144 -3.80 7.29 -4.49
CA ALA B 144 -3.06 6.03 -4.62
C ALA B 144 -2.61 5.52 -3.24
N PHE B 145 -2.10 6.41 -2.40
CA PHE B 145 -1.76 6.04 -1.02
C PHE B 145 -3.01 5.65 -0.24
N VAL B 146 -4.09 6.41 -0.42
CA VAL B 146 -5.34 6.16 0.26
C VAL B 146 -5.84 4.75 -0.07
N ALA B 147 -5.72 4.36 -1.34
CA ALA B 147 -6.18 3.05 -1.79
C ALA B 147 -5.46 1.93 -1.05
N LEU B 148 -4.27 2.24 -0.52
CA LEU B 148 -3.47 1.22 0.16
C LEU B 148 -3.53 1.26 1.68
N ILE B 149 -4.39 2.11 2.23
CA ILE B 149 -4.57 2.15 3.70
C ILE B 149 -5.07 0.79 4.18
N PRO B 150 -4.38 0.19 5.15
CA PRO B 150 -4.83 -1.13 5.62
C PRO B 150 -6.25 -1.11 6.17
N PRO B 151 -6.99 -2.23 6.03
CA PRO B 151 -8.34 -2.31 6.60
C PRO B 151 -8.31 -1.93 8.10
N THR B 152 -9.30 -1.16 8.51
CA THR B 152 -9.35 -0.71 9.90
C THR B 152 -9.88 -1.84 10.79
N LEU B 153 -9.05 -2.27 11.71
CA LEU B 153 -9.37 -3.36 12.60
C LEU B 153 -10.15 -2.85 13.80
N PRO B 154 -10.83 -3.77 14.53
CA PRO B 154 -11.47 -3.38 15.79
C PRO B 154 -10.45 -2.73 16.71
N GLY B 155 -10.90 -1.78 17.53
CA GLY B 155 -10.03 -1.20 18.55
C GLY B 155 -8.94 -0.30 18.00
N THR B 156 -9.20 0.33 16.85
CA THR B 156 -8.25 1.31 16.32
C THR B 156 -8.48 2.67 16.99
N ASN B 157 -7.78 2.91 18.10
CA ASN B 157 -7.91 4.16 18.85
C ASN B 157 -6.83 5.13 18.44
N ILE B 158 -7.25 6.27 17.89
CA ILE B 158 -6.29 7.25 17.45
CA ILE B 158 -6.31 7.26 17.43
C ILE B 158 -6.44 8.56 18.22
N VAL B 159 -5.33 9.02 18.77
CA VAL B 159 -5.32 10.26 19.54
C VAL B 159 -4.78 11.38 18.67
N LEU B 160 -5.57 12.43 18.49
CA LEU B 160 -5.14 13.60 17.73
C LEU B 160 -4.97 14.77 18.72
N GLY B 161 -4.01 15.63 18.45
CA GLY B 161 -3.71 16.72 19.36
C GLY B 161 -4.42 18.01 19.05
N ALA B 162 -4.71 18.78 20.10
CA ALA B 162 -5.26 20.12 19.96
C ALA B 162 -4.27 21.10 20.59
N LEU B 163 -4.03 22.22 19.92
CA LEU B 163 -3.09 23.23 20.40
C LEU B 163 -3.28 24.45 19.51
N PRO B 164 -3.40 25.65 20.11
CA PRO B 164 -3.57 26.86 19.28
C PRO B 164 -2.35 27.06 18.39
N GLU B 165 -2.52 27.70 17.25
CA GLU B 165 -1.44 27.75 16.26
C GLU B 165 -0.17 28.43 16.76
N ASP B 166 -0.32 29.54 17.46
CA ASP B 166 0.84 30.28 17.99
C ASP B 166 1.66 29.38 18.90
N ARG B 167 0.98 28.71 19.83
CA ARG B 167 1.63 27.80 20.77
C ARG B 167 2.31 26.65 20.01
N HIS B 168 1.65 26.21 18.94
CA HIS B 168 2.19 25.14 18.11
C HIS B 168 3.50 25.59 17.47
N ILE B 169 3.51 26.82 16.96
CA ILE B 169 4.70 27.34 16.30
C ILE B 169 5.86 27.39 17.30
N ASP B 170 5.57 27.86 18.52
CA ASP B 170 6.57 27.89 19.60
C ASP B 170 7.17 26.51 19.85
N ARG B 171 6.31 25.53 20.05
CA ARG B 171 6.79 24.19 20.35
C ARG B 171 7.58 23.61 19.19
N LEU B 172 7.04 23.78 17.99
CA LEU B 172 7.67 23.25 16.78
C LEU B 172 9.07 23.82 16.61
N ALA B 173 9.23 25.10 16.88
CA ALA B 173 10.52 25.76 16.71
C ALA B 173 11.58 25.15 17.64
N LYS B 174 11.14 24.64 18.79
CA LYS B 174 12.07 24.08 19.76
C LYS B 174 12.33 22.60 19.54
N ARG B 175 11.64 22.01 18.58
CA ARG B 175 11.82 20.60 18.29
C ARG B 175 11.85 20.25 16.81
N GLN B 176 12.68 20.95 16.06
CA GLN B 176 12.92 20.59 14.67
C GLN B 176 13.66 19.26 14.60
N ARG B 177 13.24 18.40 13.68
CA ARG B 177 13.88 17.12 13.50
C ARG B 177 15.07 17.28 12.56
N PRO B 178 16.00 16.29 12.51
CA PRO B 178 17.14 16.39 11.59
C PRO B 178 16.73 16.59 10.14
N GLY B 179 17.20 17.67 9.53
CA GLY B 179 16.87 18.00 8.16
C GLY B 179 15.59 18.82 8.00
N GLU B 180 14.83 18.97 9.08
CA GLU B 180 13.58 19.72 9.00
C GLU B 180 13.84 21.21 8.82
N ARG B 181 12.96 21.88 8.06
CA ARG B 181 12.96 23.34 8.01
C ARG B 181 11.65 23.87 8.57
N LEU B 182 11.72 24.97 9.31
CA LEU B 182 10.54 25.53 9.95
C LEU B 182 9.68 26.19 8.88
N ASP B 183 8.63 25.50 8.46
CA ASP B 183 7.78 25.95 7.37
C ASP B 183 6.38 26.20 7.91
N LEU B 184 6.01 27.47 8.05
CA LEU B 184 4.69 27.83 8.54
C LEU B 184 3.56 27.45 7.58
N ALA B 185 3.86 27.38 6.29
CA ALA B 185 2.87 26.99 5.29
C ALA B 185 2.57 25.51 5.45
N MET B 186 3.61 24.71 5.65
CA MET B 186 3.41 23.29 5.90
C MET B 186 2.69 23.10 7.23
N LEU B 187 3.10 23.85 8.25
CA LEU B 187 2.39 23.78 9.53
C LEU B 187 0.90 24.02 9.39
N ALA B 188 0.52 25.01 8.60
CA ALA B 188 -0.88 25.32 8.37
C ALA B 188 -1.57 24.19 7.61
N ALA B 189 -0.88 23.66 6.61
CA ALA B 189 -1.44 22.60 5.78
C ALA B 189 -1.70 21.34 6.61
N ILE B 190 -0.71 20.94 7.41
CA ILE B 190 -0.86 19.70 8.18
C ILE B 190 -1.92 19.89 9.26
N ARG B 191 -1.97 21.08 9.85
CA ARG B 191 -2.99 21.36 10.85
C ARG B 191 -4.38 21.32 10.23
N ARG B 192 -4.52 21.88 9.03
CA ARG B 192 -5.80 21.85 8.34
C ARG B 192 -6.21 20.40 8.04
N VAL B 193 -5.29 19.63 7.49
CA VAL B 193 -5.56 18.23 7.17
C VAL B 193 -6.04 17.46 8.41
N TYR B 194 -5.34 17.57 9.53
CA TYR B 194 -5.78 16.84 10.72
C TYR B 194 -7.12 17.33 11.29
N GLY B 195 -7.38 18.62 11.20
CA GLY B 195 -8.69 19.14 11.56
C GLY B 195 -9.78 18.54 10.66
N LEU B 196 -9.52 18.52 9.36
CA LEU B 196 -10.47 17.93 8.43
C LEU B 196 -10.68 16.44 8.75
N LEU B 197 -9.59 15.77 9.12
CA LEU B 197 -9.66 14.35 9.45
C LEU B 197 -10.62 14.09 10.61
N ALA B 198 -10.48 14.85 11.69
CA ALA B 198 -11.36 14.71 12.83
C ALA B 198 -12.81 14.90 12.41
N ASN B 199 -13.06 15.96 11.62
CA ASN B 199 -14.41 16.25 11.14
C ASN B 199 -14.93 15.12 10.25
N THR B 200 -14.03 14.58 9.44
CA THR B 200 -14.41 13.51 8.51
C THR B 200 -14.89 12.26 9.26
N VAL B 201 -14.18 11.90 10.33
CA VAL B 201 -14.61 10.75 11.10
C VAL B 201 -16.00 10.98 11.71
N ARG B 202 -16.21 12.15 12.29
CA ARG B 202 -17.54 12.48 12.83
C ARG B 202 -18.62 12.49 11.76
N TYR B 203 -18.34 13.13 10.63
CA TYR B 203 -19.26 13.15 9.49
C TYR B 203 -19.68 11.72 9.11
N LEU B 204 -18.71 10.84 8.97
CA LEU B 204 -19.00 9.46 8.60
C LEU B 204 -19.76 8.73 9.71
N GLN B 205 -19.35 8.95 10.96
CA GLN B 205 -19.94 8.23 12.08
C GLN B 205 -21.41 8.65 12.27
N CYS B 206 -21.71 9.88 11.89
CA CYS B 206 -23.07 10.41 12.00
C CYS B 206 -23.92 10.14 10.76
N GLY B 207 -23.42 9.30 9.86
CA GLY B 207 -24.22 8.92 8.71
C GLY B 207 -23.98 9.61 7.40
N GLY B 208 -22.98 10.48 7.35
CA GLY B 208 -22.68 11.21 6.14
C GLY B 208 -22.33 10.32 4.96
N SER B 209 -22.95 10.60 3.82
CA SER B 209 -22.63 9.89 2.60
C SER B 209 -22.03 10.88 1.61
N TRP B 210 -20.74 10.73 1.34
CA TRP B 210 -20.05 11.68 0.48
C TRP B 210 -20.67 11.76 -0.92
N ARG B 211 -21.14 10.63 -1.45
CA ARG B 211 -21.77 10.62 -2.77
C ARG B 211 -23.06 11.45 -2.77
N GLU B 212 -23.84 11.33 -1.69
CA GLU B 212 -25.07 12.11 -1.56
C GLU B 212 -24.80 13.59 -1.40
N ASP B 213 -23.71 13.93 -0.72
CA ASP B 213 -23.43 15.32 -0.38
C ASP B 213 -22.48 16.00 -1.36
N TRP B 214 -21.98 15.24 -2.35
CA TRP B 214 -20.94 15.74 -3.24
C TRP B 214 -21.33 17.03 -3.94
N GLY B 215 -22.61 17.14 -4.33
CA GLY B 215 -23.10 18.32 -5.00
C GLY B 215 -23.00 19.59 -4.16
N GLN B 216 -22.98 19.42 -2.85
CA GLN B 216 -22.90 20.57 -1.94
C GLN B 216 -21.55 21.29 -2.01
N LEU B 217 -20.54 20.64 -2.55
CA LEU B 217 -19.22 21.26 -2.68
C LEU B 217 -19.21 22.27 -3.81
N SER B 218 -20.28 22.28 -4.61
CA SER B 218 -20.35 23.15 -5.77
C SER B 218 -21.59 24.03 -5.76
N GLY B 219 -22.47 23.81 -4.78
CA GLY B 219 -23.70 24.57 -4.66
C GLY B 219 -23.84 25.25 -3.31
N PRO B 235 -27.17 15.35 12.49
CA PRO B 235 -26.35 16.56 12.57
C PRO B 235 -24.86 16.19 12.49
N ARG B 236 -24.18 16.80 11.54
CA ARG B 236 -22.82 16.39 11.24
C ARG B 236 -22.14 17.57 10.61
N PRO B 237 -20.80 17.51 10.47
CA PRO B 237 -20.10 18.56 9.74
C PRO B 237 -20.58 18.64 8.30
N HIS B 238 -20.49 19.83 7.72
CA HIS B 238 -20.74 20.01 6.29
C HIS B 238 -19.60 19.31 5.55
N ILE B 239 -19.90 18.71 4.41
CA ILE B 239 -18.89 17.98 3.65
C ILE B 239 -17.70 18.87 3.26
N GLY B 240 -17.96 20.16 3.10
CA GLY B 240 -16.90 21.10 2.80
C GLY B 240 -15.91 21.25 3.94
N ASP B 241 -16.30 20.80 5.12
CA ASP B 241 -15.39 20.80 6.28
C ASP B 241 -14.83 19.41 6.57
N THR B 242 -14.78 18.55 5.55
CA THR B 242 -14.16 17.23 5.69
C THR B 242 -13.09 17.03 4.64
N LEU B 243 -12.37 15.91 4.72
CA LEU B 243 -11.34 15.61 3.73
C LEU B 243 -11.87 15.49 2.31
N PHE B 244 -13.16 15.20 2.17
CA PHE B 244 -13.70 14.98 0.85
C PHE B 244 -13.57 16.23 -0.01
N THR B 245 -13.58 17.38 0.63
CA THR B 245 -13.47 18.63 -0.11
C THR B 245 -12.14 18.75 -0.87
N LEU B 246 -11.11 18.05 -0.40
CA LEU B 246 -9.80 18.13 -1.05
C LEU B 246 -9.81 17.47 -2.42
N PHE B 247 -10.72 16.53 -2.62
CA PHE B 247 -10.70 15.71 -3.80
C PHE B 247 -11.69 16.18 -4.87
N ARG B 248 -12.09 17.44 -4.74
CA ARG B 248 -12.78 18.13 -5.81
C ARG B 248 -11.72 18.68 -6.78
N ALA B 249 -10.49 18.18 -6.61
CA ALA B 249 -9.34 18.60 -7.42
C ALA B 249 -9.59 18.35 -8.90
N PRO B 250 -9.32 19.36 -9.75
CA PRO B 250 -9.72 19.22 -11.15
C PRO B 250 -9.00 18.10 -11.88
N GLU B 251 -7.82 17.73 -11.41
CA GLU B 251 -7.09 16.58 -11.98
C GLU B 251 -7.90 15.28 -11.89
N LEU B 252 -8.85 15.23 -10.96
CA LEU B 252 -9.60 13.99 -10.68
C LEU B 252 -10.91 13.94 -11.43
N LEU B 253 -11.21 15.00 -12.19
CA LEU B 253 -12.54 15.16 -12.77
C LEU B 253 -12.54 15.02 -14.28
N ALA B 254 -13.64 14.49 -14.82
CA ALA B 254 -13.80 14.35 -16.25
C ALA B 254 -14.16 15.73 -16.82
N PRO B 255 -14.08 15.89 -18.15
CA PRO B 255 -14.48 17.16 -18.77
C PRO B 255 -15.86 17.66 -18.34
N ASN B 256 -16.78 16.76 -17.97
CA ASN B 256 -18.11 17.20 -17.55
C ASN B 256 -18.21 17.47 -16.06
N GLY B 257 -17.10 17.33 -15.35
CA GLY B 257 -17.08 17.69 -13.95
C GLY B 257 -17.26 16.53 -12.98
N ASP B 258 -17.60 15.37 -13.51
CA ASP B 258 -17.80 14.17 -12.68
C ASP B 258 -16.46 13.65 -12.21
N LEU B 259 -16.40 13.13 -10.98
CA LEU B 259 -15.23 12.40 -10.53
C LEU B 259 -15.10 11.15 -11.37
N TYR B 260 -13.90 10.83 -11.83
CA TYR B 260 -13.68 9.52 -12.42
C TYR B 260 -13.99 8.43 -11.40
N ASN B 261 -14.53 7.32 -11.87
CA ASN B 261 -14.97 6.27 -10.96
C ASN B 261 -13.83 5.68 -10.14
N VAL B 262 -12.66 5.60 -10.74
CA VAL B 262 -11.49 5.07 -10.05
C VAL B 262 -11.16 5.90 -8.79
N PHE B 263 -11.38 7.22 -8.86
CA PHE B 263 -11.14 8.11 -7.72
C PHE B 263 -12.29 8.05 -6.75
N ALA B 264 -13.50 7.91 -7.29
CA ALA B 264 -14.68 7.81 -6.43
C ALA B 264 -14.55 6.54 -5.58
N TRP B 265 -14.06 5.46 -6.18
CA TRP B 265 -13.84 4.25 -5.41
C TRP B 265 -12.80 4.47 -4.30
N ALA B 266 -11.76 5.25 -4.59
CA ALA B 266 -10.78 5.53 -3.55
C ALA B 266 -11.42 6.30 -2.40
N LEU B 267 -12.37 7.19 -2.72
CA LEU B 267 -13.09 7.90 -1.66
C LEU B 267 -13.99 6.93 -0.88
N ASP B 268 -14.55 5.93 -1.56
CA ASP B 268 -15.33 4.91 -0.85
C ASP B 268 -14.44 4.16 0.14
N VAL B 269 -13.19 3.90 -0.26
CA VAL B 269 -12.26 3.22 0.62
C VAL B 269 -11.94 4.14 1.81
N LEU B 270 -11.68 5.40 1.50
CA LEU B 270 -11.39 6.39 2.55
C LEU B 270 -12.49 6.38 3.60
N ALA B 271 -13.74 6.42 3.15
CA ALA B 271 -14.90 6.46 4.03
C ALA B 271 -14.96 5.22 4.91
N LYS B 272 -14.71 4.05 4.29
CA LYS B 272 -14.72 2.79 5.01
C LYS B 272 -13.61 2.74 6.06
N ARG B 273 -12.40 3.15 5.67
CA ARG B 273 -11.28 3.11 6.60
C ARG B 273 -11.51 4.04 7.80
N LEU B 274 -12.03 5.23 7.52
CA LEU B 274 -12.11 6.27 8.57
C LEU B 274 -13.29 6.09 9.51
N ARG B 275 -14.38 5.58 8.98
CA ARG B 275 -15.61 5.54 9.77
C ARG B 275 -15.47 4.74 11.05
N SER B 276 -14.70 3.68 11.03
CA SER B 276 -14.63 2.83 12.21
C SER B 276 -13.42 3.11 13.10
N MET B 277 -12.75 4.23 12.87
CA MET B 277 -11.70 4.65 13.79
C MET B 277 -12.32 5.33 15.02
N HIS B 278 -11.71 5.15 16.18
CA HIS B 278 -12.17 5.87 17.35
C HIS B 278 -11.19 7.01 17.63
N VAL B 279 -11.68 8.23 17.47
CA VAL B 279 -10.83 9.41 17.61
C VAL B 279 -10.95 9.99 19.01
N PHE B 280 -9.82 10.37 19.59
CA PHE B 280 -9.79 11.03 20.89
C PHE B 280 -8.88 12.25 20.76
N ILE B 281 -9.33 13.39 21.31
CA ILE B 281 -8.55 14.62 21.20
C ILE B 281 -7.78 14.88 22.50
N LEU B 282 -6.47 15.07 22.35
CA LEU B 282 -5.60 15.35 23.50
C LEU B 282 -5.15 16.80 23.43
N ASP B 283 -5.51 17.56 24.48
CA ASP B 283 -5.12 18.96 24.58
C ASP B 283 -3.64 19.03 24.95
N TYR B 284 -2.82 19.55 24.04
CA TYR B 284 -1.39 19.62 24.29
C TYR B 284 -0.96 20.93 24.97
N ASP B 285 -1.90 21.85 25.14
CA ASP B 285 -1.58 23.15 25.73
C ASP B 285 -1.47 23.03 27.25
N GLN B 286 -0.53 22.20 27.69
CA GLN B 286 -0.30 21.96 29.11
C GLN B 286 1.08 21.32 29.31
N SER B 287 1.36 20.92 30.55
CA SER B 287 2.67 20.36 30.90
C SER B 287 2.78 18.89 30.50
N PRO B 288 4.02 18.42 30.24
CA PRO B 288 4.27 17.02 29.88
C PRO B 288 3.62 16.03 30.84
N ALA B 289 3.65 16.34 32.13
CA ALA B 289 3.01 15.49 33.13
C ALA B 289 1.50 15.53 32.93
N GLY B 290 0.99 16.73 32.66
CA GLY B 290 -0.42 16.92 32.43
C GLY B 290 -0.87 16.20 31.17
N CYS B 291 -0.09 16.37 30.10
CA CYS B 291 -0.36 15.69 28.84
C CYS B 291 -0.40 14.19 29.04
N ARG B 292 0.53 13.69 29.84
CA ARG B 292 0.59 12.26 30.12
C ARG B 292 -0.63 11.80 30.88
N ASP B 293 -1.07 12.62 31.83
CA ASP B 293 -2.23 12.27 32.64
C ASP B 293 -3.48 12.31 31.77
N ALA B 294 -3.61 13.38 30.99
CA ALA B 294 -4.73 13.52 30.05
C ALA B 294 -4.81 12.33 29.11
N LEU B 295 -3.66 11.88 28.62
CA LEU B 295 -3.62 10.68 27.79
C LEU B 295 -4.15 9.46 28.56
N LEU B 296 -3.76 9.35 29.83
CA LEU B 296 -4.25 8.25 30.65
C LEU B 296 -5.75 8.39 30.92
N GLN B 297 -6.20 9.63 31.05
CA GLN B 297 -7.63 9.88 31.22
C GLN B 297 -8.39 9.37 30.00
N LEU B 298 -7.91 9.73 28.81
CA LEU B 298 -8.54 9.37 27.54
C LEU B 298 -8.70 7.85 27.33
N THR B 299 -7.91 7.04 28.04
CA THR B 299 -7.90 5.61 27.78
C THR B 299 -9.15 4.88 28.25
N SER B 300 -9.89 5.47 29.18
CA SER B 300 -11.08 4.82 29.73
C SER B 300 -12.17 4.63 28.69
N GLY B 301 -12.15 5.49 27.66
CA GLY B 301 -13.13 5.38 26.59
C GLY B 301 -12.63 4.66 25.35
N MET B 302 -11.40 4.16 25.42
CA MET B 302 -10.81 3.48 24.25
C MET B 302 -11.26 2.04 24.16
N VAL B 303 -11.25 1.51 22.94
CA VAL B 303 -11.84 0.21 22.68
C VAL B 303 -10.77 -0.87 22.68
N GLN B 304 -11.00 -1.91 23.47
CA GLN B 304 -10.06 -3.00 23.58
C GLN B 304 -10.50 -4.15 22.70
N THR B 305 -9.55 -5.00 22.33
CA THR B 305 -9.88 -6.18 21.55
C THR B 305 -9.28 -7.40 22.21
N HIS B 306 -9.76 -8.57 21.81
CA HIS B 306 -9.07 -9.80 22.16
C HIS B 306 -7.94 -9.97 21.15
N VAL B 307 -6.98 -10.83 21.46
CA VAL B 307 -6.01 -11.25 20.47
C VAL B 307 -6.47 -12.60 19.93
N THR B 308 -5.79 -13.10 18.91
CA THR B 308 -6.27 -14.29 18.21
C THR B 308 -5.65 -15.61 18.68
N THR B 309 -4.47 -15.56 19.28
CA THR B 309 -3.80 -16.76 19.76
C THR B 309 -3.29 -16.57 21.19
N PRO B 310 -3.02 -17.69 21.90
CA PRO B 310 -2.42 -17.59 23.24
C PRO B 310 -1.09 -16.86 23.22
N GLY B 311 -0.28 -17.10 22.20
CA GLY B 311 1.04 -16.51 22.11
C GLY B 311 1.09 -15.14 21.44
N SER B 312 -0.08 -14.61 21.09
CA SER B 312 -0.15 -13.29 20.44
C SER B 312 0.46 -12.21 21.32
N ILE B 313 0.12 -12.21 22.60
CA ILE B 313 0.64 -11.19 23.51
C ILE B 313 2.17 -11.10 23.56
N PRO B 314 2.87 -12.21 23.86
CA PRO B 314 4.32 -12.05 23.93
C PRO B 314 4.95 -11.75 22.56
N THR B 315 4.32 -12.24 21.49
CA THR B 315 4.78 -11.95 20.13
C THR B 315 4.67 -10.46 19.84
N ILE B 316 3.56 -9.87 20.25
CA ILE B 316 3.33 -8.44 20.09
C ILE B 316 4.38 -7.63 20.82
N CYS B 317 4.63 -8.02 22.06
CA CYS B 317 5.66 -7.41 22.88
C CYS B 317 7.02 -7.41 22.19
N ASP B 318 7.42 -8.57 21.71
CA ASP B 318 8.68 -8.75 21.00
C ASP B 318 8.77 -7.82 19.80
N LEU B 319 7.72 -7.81 18.97
CA LEU B 319 7.63 -6.91 17.82
C LEU B 319 7.89 -5.47 18.27
N ALA B 320 7.12 -5.05 19.26
CA ALA B 320 7.14 -3.65 19.69
C ALA B 320 8.49 -3.22 20.24
N ARG B 321 9.11 -4.06 21.08
CA ARG B 321 10.41 -3.74 21.65
C ARG B 321 11.51 -3.80 20.59
N THR B 322 11.42 -4.76 19.68
CA THR B 322 12.39 -4.86 18.60
C THR B 322 12.36 -3.64 17.68
N PHE B 323 11.15 -3.18 17.36
CA PHE B 323 10.94 -1.97 16.57
C PHE B 323 11.67 -0.81 17.27
N ALA B 324 11.35 -0.65 18.55
CA ALA B 324 11.89 0.43 19.37
C ALA B 324 13.41 0.45 19.37
N ARG B 325 14.00 -0.71 19.58
CA ARG B 325 15.45 -0.87 19.67
C ARG B 325 16.14 -0.60 18.34
N GLU B 326 15.53 -1.04 17.25
CA GLU B 326 16.20 -0.94 15.97
C GLU B 326 15.96 0.40 15.31
N MET B 327 14.76 0.95 15.45
CA MET B 327 14.41 2.12 14.66
C MET B 327 14.14 3.39 15.46
N GLY B 328 13.94 3.25 16.76
CA GLY B 328 13.81 4.40 17.64
C GLY B 328 15.11 5.17 17.72
N GLU B 329 15.01 6.48 17.98
CA GLU B 329 16.18 7.35 18.12
C GLU B 329 17.13 6.85 19.20
N1 I43 C . 3.37 -2.76 -15.23
C01 I43 C . 2.13 -3.29 -14.61
O1 I43 C . 3.75 -1.73 -13.20
O2 I43 C . 6.85 -0.98 -16.50
C02 I43 C . 8.06 -1.72 -16.62
N2 I43 C . 5.35 -1.34 -14.82
C1 I43 C . 4.15 -1.92 -14.35
C2 I43 C . 5.70 -1.60 -16.08
C3 I43 C . 4.95 -2.44 -17.02
C4 I43 C . 5.44 -2.68 -18.42
C5 I43 C . 3.77 -3.01 -16.56
C11 I43 C . 2.95 -3.90 -17.43
C12 I43 C . 2.27 -3.57 -18.56
C13 I43 C . 2.12 -4.48 -19.75
C14 I43 C . 1.78 -2.19 -18.83
O3 I43 C . 1.27 -5.52 -19.35
O4 I43 C . 2.76 -1.22 -18.56
S SO4 D . 0.53 -8.85 -23.30
O1 SO4 D . 1.33 -7.72 -22.86
O2 SO4 D . -0.89 -8.53 -23.14
O3 SO4 D . 0.92 -10.02 -22.50
O4 SO4 D . 0.80 -9.17 -24.69
S SO4 E . -3.29 -17.57 5.33
O1 SO4 E . -3.55 -16.19 4.90
O2 SO4 E . -3.08 -17.57 6.78
O3 SO4 E . -2.09 -18.08 4.68
O4 SO4 E . -4.42 -18.44 4.98
N1 I43 F . 5.59 12.03 8.49
C01 I43 F . 5.02 10.85 9.19
O1 I43 F . 5.04 10.93 6.54
O2 I43 F . 7.06 15.06 6.14
C02 I43 F . 6.39 16.36 6.02
N2 I43 F . 6.05 12.99 6.25
C1 I43 F . 5.54 11.94 7.04
C2 I43 F . 6.55 14.06 6.91
C3 I43 F . 6.63 14.19 8.37
C4 I43 F . 7.20 15.43 9.00
C5 I43 F . 6.13 13.15 9.12
C11 I43 F . 6.09 13.20 10.60
C12 I43 F . 7.12 13.20 11.46
C13 I43 F . 6.90 12.66 12.83
C14 I43 F . 8.54 13.04 11.00
O3 I43 F . 6.57 13.76 13.65
O4 I43 F . 9.21 14.25 11.13
S SO4 G . 6.19 15.80 18.47
O1 SO4 G . 6.75 17.05 18.99
O2 SO4 G . 6.11 15.86 17.02
O3 SO4 G . 7.03 14.68 18.86
O4 SO4 G . 4.86 15.62 19.06
#